data_2YRM
#
_entry.id   2YRM
#
loop_
_entity.id
_entity.type
_entity.pdbx_description
1 polymer 'B-cell lymphoma 6 protein'
2 non-polymer 'ZINC ION'
#
_entity_poly.entity_id   1
_entity_poly.type   'polypeptide(L)'
_entity_poly.pdbx_seq_one_letter_code
;GSSGSSGNGAFFCNECDCRFSEEASLKRHTLQTHSDKSGPSSG
;
_entity_poly.pdbx_strand_id   A
#
# COMPACT_ATOMS: atom_id res chain seq x y z
N GLY A 1 -0.62 -3.60 18.21
CA GLY A 1 0.82 -3.74 18.13
C GLY A 1 1.55 -2.43 18.33
N SER A 2 2.60 -2.45 19.15
CA SER A 2 3.38 -1.25 19.43
C SER A 2 4.77 -1.35 18.81
N SER A 3 5.42 -0.20 18.65
CA SER A 3 6.76 -0.16 18.07
C SER A 3 7.60 -1.33 18.56
N GLY A 4 8.43 -1.87 17.67
CA GLY A 4 9.29 -2.99 18.03
C GLY A 4 8.70 -4.32 17.62
N SER A 5 9.14 -4.82 16.48
CA SER A 5 8.65 -6.10 15.96
C SER A 5 9.70 -6.77 15.07
N SER A 6 9.88 -8.07 15.26
CA SER A 6 10.85 -8.82 14.48
C SER A 6 10.45 -8.85 13.00
N GLY A 7 11.40 -8.52 12.13
CA GLY A 7 11.14 -8.51 10.71
C GLY A 7 10.22 -7.39 10.30
N ASN A 8 10.68 -6.57 9.34
CA ASN A 8 9.90 -5.44 8.86
C ASN A 8 8.68 -5.91 8.07
N GLY A 9 7.71 -5.03 7.90
CA GLY A 9 6.51 -5.37 7.16
C GLY A 9 5.25 -5.00 7.90
N ALA A 10 5.06 -3.69 8.12
CA ALA A 10 3.88 -3.20 8.82
C ALA A 10 3.17 -2.12 8.01
N PHE A 11 3.12 -2.31 6.70
CA PHE A 11 2.47 -1.35 5.80
C PHE A 11 1.45 -2.05 4.91
N PHE A 12 0.18 -1.77 5.13
CA PHE A 12 -0.89 -2.36 4.34
C PHE A 12 -1.78 -1.29 3.72
N CYS A 13 -2.02 -1.41 2.41
CA CYS A 13 -2.85 -0.45 1.70
C CYS A 13 -4.20 -0.26 2.40
N ASN A 14 -4.60 0.99 2.55
CA ASN A 14 -5.86 1.31 3.21
C ASN A 14 -7.04 1.10 2.26
N GLU A 15 -6.88 1.55 1.02
CA GLU A 15 -7.92 1.42 0.01
C GLU A 15 -8.18 -0.05 -0.31
N CYS A 16 -7.12 -0.79 -0.60
CA CYS A 16 -7.24 -2.22 -0.90
C CYS A 16 -6.46 -3.06 0.10
N ASP A 17 -6.50 -4.37 -0.09
CA ASP A 17 -5.80 -5.29 0.79
C ASP A 17 -4.48 -5.75 0.17
N CYS A 18 -3.37 -5.37 0.79
CA CYS A 18 -2.05 -5.73 0.29
C CYS A 18 -1.00 -5.57 1.39
N ARG A 19 0.25 -5.87 1.04
CA ARG A 19 1.36 -5.78 2.00
C ARG A 19 2.65 -5.37 1.30
N PHE A 20 3.49 -4.65 2.02
CA PHE A 20 4.77 -4.19 1.46
C PHE A 20 5.86 -4.20 2.53
N SER A 21 7.04 -4.68 2.15
CA SER A 21 8.16 -4.75 3.08
C SER A 21 8.67 -3.35 3.41
N GLU A 22 8.78 -2.51 2.39
CA GLU A 22 9.27 -1.14 2.57
C GLU A 22 8.12 -0.14 2.46
N GLU A 23 8.35 1.07 2.96
CA GLU A 23 7.34 2.11 2.92
C GLU A 23 7.22 2.71 1.52
N ALA A 24 8.37 2.93 0.89
CA ALA A 24 8.41 3.49 -0.46
C ALA A 24 7.65 2.61 -1.45
N SER A 25 7.77 1.30 -1.27
CA SER A 25 7.11 0.34 -2.15
C SER A 25 5.59 0.54 -2.11
N LEU A 26 5.05 0.62 -0.90
CA LEU A 26 3.62 0.81 -0.72
C LEU A 26 3.15 2.12 -1.35
N LYS A 27 3.67 3.23 -0.85
CA LYS A 27 3.31 4.55 -1.36
C LYS A 27 3.07 4.49 -2.86
N ARG A 28 4.04 3.95 -3.60
CA ARG A 28 3.93 3.84 -5.04
C ARG A 28 2.64 3.13 -5.44
N HIS A 29 2.46 1.90 -4.95
CA HIS A 29 1.27 1.12 -5.25
C HIS A 29 0.01 1.96 -5.08
N THR A 30 -0.10 2.64 -3.93
CA THR A 30 -1.25 3.47 -3.64
C THR A 30 -1.52 4.45 -4.78
N LEU A 31 -0.47 5.06 -5.29
CA LEU A 31 -0.59 6.02 -6.39
C LEU A 31 -0.90 5.30 -7.70
N GLN A 32 0.03 4.47 -8.15
CA GLN A 32 -0.14 3.73 -9.39
C GLN A 32 -1.49 3.00 -9.41
N THR A 33 -1.69 2.13 -8.43
CA THR A 33 -2.92 1.36 -8.34
C THR A 33 -4.12 2.28 -8.12
N HIS A 34 -4.03 3.14 -7.11
CA HIS A 34 -5.11 4.07 -6.79
C HIS A 34 -4.66 5.51 -7.04
N SER A 35 -4.66 5.92 -8.31
CA SER A 35 -4.25 7.27 -8.68
C SER A 35 -5.12 8.31 -7.98
N ASP A 36 -4.48 9.38 -7.50
CA ASP A 36 -5.20 10.44 -6.80
C ASP A 36 -6.50 10.79 -7.53
N LYS A 37 -6.44 10.83 -8.85
CA LYS A 37 -7.60 11.14 -9.67
C LYS A 37 -8.03 9.94 -10.50
N SER A 38 -8.76 9.02 -9.88
CA SER A 38 -9.23 7.82 -10.57
C SER A 38 -10.73 7.66 -10.42
N GLY A 39 -11.21 7.77 -9.18
CA GLY A 39 -12.63 7.63 -8.91
C GLY A 39 -13.49 8.46 -9.85
N PRO A 40 -13.50 9.79 -9.62
CA PRO A 40 -14.26 10.72 -10.45
C PRO A 40 -13.70 10.87 -11.86
N SER A 41 -12.51 10.32 -12.07
CA SER A 41 -11.85 10.39 -13.37
C SER A 41 -12.38 9.30 -14.30
N SER A 42 -13.31 9.68 -15.18
CA SER A 42 -13.90 8.73 -16.11
C SER A 42 -12.88 8.30 -17.17
N GLY A 43 -12.07 7.30 -16.83
CA GLY A 43 -11.06 6.82 -17.75
C GLY A 43 -9.99 5.98 -17.06
N GLY A 1 -7.93 -22.56 6.61
CA GLY A 1 -7.16 -22.56 7.84
C GLY A 1 -5.85 -21.80 7.72
N SER A 2 -5.94 -20.48 7.68
CA SER A 2 -4.75 -19.64 7.55
C SER A 2 -3.69 -20.05 8.56
N SER A 3 -2.53 -20.47 8.05
CA SER A 3 -1.43 -20.90 8.90
C SER A 3 -0.71 -19.71 9.50
N GLY A 4 0.14 -19.96 10.50
CA GLY A 4 0.87 -18.89 11.14
C GLY A 4 2.33 -19.24 11.34
N SER A 5 3.21 -18.53 10.63
CA SER A 5 4.64 -18.77 10.74
C SER A 5 5.40 -17.46 10.97
N SER A 6 5.03 -16.44 10.21
CA SER A 6 5.68 -15.13 10.32
C SER A 6 4.97 -14.10 9.45
N GLY A 7 4.87 -12.87 9.95
CA GLY A 7 4.22 -11.81 9.20
C GLY A 7 4.75 -10.44 9.57
N ASN A 8 5.95 -10.13 9.08
CA ASN A 8 6.56 -8.84 9.36
C ASN A 8 6.08 -7.78 8.38
N GLY A 9 6.55 -6.54 8.56
CA GLY A 9 6.14 -5.46 7.69
C GLY A 9 4.80 -4.86 8.08
N ALA A 10 4.85 -3.66 8.66
CA ALA A 10 3.64 -2.98 9.08
C ALA A 10 3.25 -1.87 8.10
N PHE A 11 3.38 -2.17 6.81
CA PHE A 11 3.05 -1.20 5.77
C PHE A 11 2.10 -1.81 4.75
N PHE A 12 0.80 -1.72 5.03
CA PHE A 12 -0.22 -2.26 4.14
C PHE A 12 -1.16 -1.16 3.66
N CYS A 13 -1.72 -1.35 2.47
CA CYS A 13 -2.63 -0.38 1.89
C CYS A 13 -3.94 -0.33 2.66
N ASN A 14 -4.57 0.83 2.67
CA ASN A 14 -5.85 1.02 3.37
C ASN A 14 -7.03 0.85 2.43
N GLU A 15 -6.94 1.49 1.26
CA GLU A 15 -8.00 1.41 0.26
C GLU A 15 -8.22 -0.03 -0.18
N CYS A 16 -7.13 -0.73 -0.47
CA CYS A 16 -7.20 -2.11 -0.91
C CYS A 16 -6.41 -3.03 0.02
N ASP A 17 -6.51 -4.33 -0.21
CA ASP A 17 -5.80 -5.31 0.60
C ASP A 17 -4.49 -5.73 -0.05
N CYS A 18 -3.38 -5.18 0.43
CA CYS A 18 -2.07 -5.50 -0.12
C CYS A 18 -0.97 -5.24 0.91
N ARG A 19 -0.11 -6.24 1.12
CA ARG A 19 0.97 -6.11 2.08
C ARG A 19 2.27 -5.73 1.38
N PHE A 20 3.15 -5.04 2.09
CA PHE A 20 4.43 -4.62 1.53
C PHE A 20 5.53 -4.69 2.58
N SER A 21 6.78 -4.51 2.15
CA SER A 21 7.92 -4.55 3.05
C SER A 21 8.58 -3.19 3.16
N GLU A 22 8.75 -2.53 2.02
CA GLU A 22 9.37 -1.20 2.00
C GLU A 22 8.32 -0.11 2.04
N GLU A 23 8.45 0.81 3.00
CA GLU A 23 7.50 1.91 3.14
C GLU A 23 7.22 2.56 1.79
N ALA A 24 8.28 2.79 1.02
CA ALA A 24 8.14 3.41 -0.29
C ALA A 24 7.14 2.67 -1.15
N SER A 25 7.29 1.34 -1.22
CA SER A 25 6.40 0.50 -2.01
C SER A 25 4.93 0.84 -1.72
N LEU A 26 4.61 0.98 -0.45
CA LEU A 26 3.25 1.31 -0.04
C LEU A 26 2.76 2.58 -0.73
N LYS A 27 3.57 3.63 -0.66
CA LYS A 27 3.24 4.90 -1.29
C LYS A 27 3.05 4.74 -2.79
N ARG A 28 4.10 4.31 -3.46
CA ARG A 28 4.06 4.12 -4.91
C ARG A 28 2.82 3.32 -5.32
N HIS A 29 2.68 2.13 -4.73
CA HIS A 29 1.54 1.28 -5.04
C HIS A 29 0.25 2.09 -5.16
N THR A 30 -0.07 2.82 -4.10
CA THR A 30 -1.28 3.65 -4.08
C THR A 30 -1.41 4.44 -5.37
N LEU A 31 -0.38 5.21 -5.70
CA LEU A 31 -0.40 6.01 -6.93
C LEU A 31 -0.41 5.13 -8.16
N GLN A 32 0.05 3.89 -8.01
CA GLN A 32 0.09 2.95 -9.12
C GLN A 32 -1.31 2.45 -9.46
N THR A 33 -1.93 1.74 -8.52
CA THR A 33 -3.27 1.20 -8.73
C THR A 33 -4.32 2.29 -8.51
N HIS A 34 -4.18 3.05 -7.43
CA HIS A 34 -5.12 4.11 -7.11
C HIS A 34 -4.65 5.44 -7.69
N SER A 35 -4.92 5.66 -8.97
CA SER A 35 -4.52 6.89 -9.65
C SER A 35 -5.56 7.99 -9.43
N ASP A 36 -5.22 9.20 -9.86
CA ASP A 36 -6.12 10.35 -9.71
C ASP A 36 -7.36 10.17 -10.58
N LYS A 37 -8.51 10.02 -9.94
CA LYS A 37 -9.77 9.85 -10.66
C LYS A 37 -10.34 11.21 -11.08
N SER A 38 -11.13 11.20 -12.14
CA SER A 38 -11.74 12.43 -12.65
C SER A 38 -13.22 12.49 -12.27
N GLY A 39 -13.57 11.88 -11.15
CA GLY A 39 -14.95 11.87 -10.70
C GLY A 39 -15.46 10.48 -10.38
N PRO A 40 -16.79 10.31 -10.40
CA PRO A 40 -17.43 9.03 -10.11
C PRO A 40 -17.19 8.00 -11.22
N SER A 41 -17.11 6.74 -10.83
CA SER A 41 -16.88 5.66 -11.79
C SER A 41 -18.19 4.95 -12.13
N SER A 42 -19.03 4.75 -11.13
CA SER A 42 -20.31 4.09 -11.33
C SER A 42 -21.21 4.91 -12.25
N GLY A 43 -21.42 6.17 -11.90
CA GLY A 43 -22.26 7.04 -12.70
C GLY A 43 -23.59 6.40 -13.05
N GLY A 1 9.50 -11.12 28.54
CA GLY A 1 10.50 -10.50 27.69
C GLY A 1 10.01 -10.29 26.27
N SER A 2 10.52 -11.09 25.34
CA SER A 2 10.13 -10.98 23.94
C SER A 2 9.52 -12.29 23.45
N SER A 3 8.28 -12.21 22.97
CA SER A 3 7.58 -13.39 22.47
C SER A 3 6.91 -13.10 21.13
N GLY A 4 7.65 -13.34 20.04
CA GLY A 4 7.11 -13.10 18.72
C GLY A 4 7.67 -14.05 17.68
N SER A 5 7.10 -15.24 17.58
CA SER A 5 7.56 -16.24 16.64
C SER A 5 7.47 -15.71 15.21
N SER A 6 6.34 -15.08 14.89
CA SER A 6 6.13 -14.53 13.55
C SER A 6 6.14 -13.01 13.59
N GLY A 7 7.05 -12.41 12.81
CA GLY A 7 7.14 -10.96 12.76
C GLY A 7 6.84 -10.41 11.39
N ASN A 8 5.80 -10.92 10.75
CA ASN A 8 5.41 -10.47 9.42
C ASN A 8 4.48 -9.27 9.50
N GLY A 9 4.23 -8.65 8.36
CA GLY A 9 3.35 -7.49 8.32
C GLY A 9 4.09 -6.19 8.60
N ALA A 10 4.38 -5.44 7.55
CA ALA A 10 5.09 -4.17 7.68
C ALA A 10 4.19 -3.00 7.31
N PHE A 11 3.70 -3.00 6.08
CA PHE A 11 2.82 -1.94 5.60
C PHE A 11 1.64 -2.51 4.83
N PHE A 12 0.44 -2.02 5.13
CA PHE A 12 -0.76 -2.48 4.47
C PHE A 12 -1.57 -1.30 3.91
N CYS A 13 -1.94 -1.41 2.65
CA CYS A 13 -2.71 -0.35 1.99
C CYS A 13 -4.09 -0.21 2.63
N ASN A 14 -4.60 1.02 2.65
CA ASN A 14 -5.91 1.29 3.23
C ASN A 14 -7.01 1.12 2.19
N GLU A 15 -6.83 1.72 1.03
CA GLU A 15 -7.81 1.64 -0.05
C GLU A 15 -8.11 0.19 -0.39
N CYS A 16 -7.07 -0.64 -0.41
CA CYS A 16 -7.23 -2.06 -0.72
C CYS A 16 -6.39 -2.92 0.23
N ASP A 17 -6.45 -4.23 0.03
CA ASP A 17 -5.69 -5.17 0.86
C ASP A 17 -4.41 -5.60 0.16
N CYS A 18 -3.27 -5.18 0.69
CA CYS A 18 -1.97 -5.53 0.12
C CYS A 18 -0.86 -5.38 1.15
N ARG A 19 0.22 -6.14 0.97
CA ARG A 19 1.34 -6.10 1.89
C ARG A 19 2.60 -5.63 1.18
N PHE A 20 3.48 -4.96 1.91
CA PHE A 20 4.73 -4.45 1.35
C PHE A 20 5.85 -4.51 2.38
N SER A 21 7.04 -4.92 1.93
CA SER A 21 8.19 -5.02 2.81
C SER A 21 8.94 -3.70 2.88
N GLU A 22 8.24 -2.61 2.58
CA GLU A 22 8.84 -1.28 2.61
C GLU A 22 7.77 -0.20 2.50
N GLU A 23 8.05 0.96 3.08
CA GLU A 23 7.11 2.08 3.04
C GLU A 23 7.13 2.76 1.68
N ALA A 24 8.28 2.74 1.02
CA ALA A 24 8.43 3.34 -0.30
C ALA A 24 7.53 2.67 -1.32
N SER A 25 7.46 1.34 -1.25
CA SER A 25 6.63 0.57 -2.18
C SER A 25 5.17 0.99 -2.08
N LEU A 26 4.65 0.99 -0.85
CA LEU A 26 3.26 1.36 -0.61
C LEU A 26 2.94 2.71 -1.25
N LYS A 27 3.71 3.73 -0.88
CA LYS A 27 3.52 5.07 -1.42
C LYS A 27 3.26 5.02 -2.93
N ARG A 28 4.12 4.31 -3.64
CA ARG A 28 3.99 4.18 -5.10
C ARG A 28 2.72 3.41 -5.46
N HIS A 29 2.57 2.23 -4.89
CA HIS A 29 1.40 1.39 -5.15
C HIS A 29 0.13 2.22 -5.12
N THR A 30 -0.13 2.86 -3.98
CA THR A 30 -1.32 3.68 -3.80
C THR A 30 -1.50 4.62 -4.99
N LEU A 31 -0.40 5.08 -5.56
CA LEU A 31 -0.45 5.98 -6.71
C LEU A 31 -0.48 5.20 -8.01
N GLN A 32 -0.09 3.93 -7.95
CA GLN A 32 -0.07 3.08 -9.13
C GLN A 32 -1.40 2.34 -9.28
N THR A 33 -1.71 1.47 -8.34
CA THR A 33 -2.95 0.70 -8.37
C THR A 33 -4.16 1.62 -8.35
N HIS A 34 -4.16 2.57 -7.43
CA HIS A 34 -5.26 3.53 -7.31
C HIS A 34 -4.91 4.86 -7.96
N SER A 35 -5.92 5.56 -8.46
CA SER A 35 -5.71 6.85 -9.11
C SER A 35 -7.02 7.63 -9.19
N ASP A 36 -6.99 8.87 -8.73
CA ASP A 36 -8.18 9.73 -8.75
C ASP A 36 -8.48 10.19 -10.17
N LYS A 37 -7.44 10.38 -10.96
CA LYS A 37 -7.59 10.82 -12.34
C LYS A 37 -7.33 9.68 -13.32
N SER A 38 -8.40 9.07 -13.81
CA SER A 38 -8.29 7.96 -14.74
C SER A 38 -9.22 8.16 -15.93
N GLY A 39 -8.71 7.89 -17.13
CA GLY A 39 -9.50 8.04 -18.34
C GLY A 39 -9.59 9.48 -18.79
N PRO A 40 -9.65 9.69 -20.12
CA PRO A 40 -9.74 11.03 -20.69
C PRO A 40 -11.09 11.69 -20.44
N SER A 41 -11.25 12.25 -19.24
CA SER A 41 -12.49 12.91 -18.87
C SER A 41 -12.36 14.42 -18.96
N SER A 42 -11.48 14.99 -18.14
CA SER A 42 -11.26 16.42 -18.13
C SER A 42 -9.88 16.77 -18.68
N GLY A 43 -9.53 16.14 -19.80
CA GLY A 43 -8.25 16.39 -20.42
C GLY A 43 -8.34 16.51 -21.94
N GLY A 1 -4.20 -20.86 17.53
CA GLY A 1 -3.08 -20.06 17.99
C GLY A 1 -2.42 -19.27 16.86
N SER A 2 -2.36 -17.95 17.03
CA SER A 2 -1.77 -17.09 16.02
C SER A 2 -0.28 -16.87 16.31
N SER A 3 0.41 -17.94 16.68
CA SER A 3 1.83 -17.87 16.99
C SER A 3 2.59 -19.00 16.31
N GLY A 4 3.86 -18.75 15.98
CA GLY A 4 4.67 -19.76 15.33
C GLY A 4 5.72 -19.16 14.41
N SER A 5 5.27 -18.29 13.52
CA SER A 5 6.17 -17.64 12.57
C SER A 5 6.22 -16.13 12.80
N SER A 6 7.43 -15.58 12.78
CA SER A 6 7.62 -14.15 12.99
C SER A 6 6.60 -13.34 12.18
N GLY A 7 6.12 -12.26 12.78
CA GLY A 7 5.14 -11.41 12.10
C GLY A 7 5.75 -10.66 10.93
N ASN A 8 5.20 -10.87 9.74
CA ASN A 8 5.69 -10.20 8.54
C ASN A 8 4.67 -9.20 8.01
N GLY A 9 5.10 -7.95 7.86
CA GLY A 9 4.21 -6.91 7.37
C GLY A 9 4.18 -5.70 8.27
N ALA A 10 4.42 -4.52 7.67
CA ALA A 10 4.42 -3.28 8.43
C ALA A 10 3.53 -2.23 7.76
N PHE A 11 3.86 -1.90 6.52
CA PHE A 11 3.10 -0.91 5.76
C PHE A 11 2.08 -1.58 4.85
N PHE A 12 0.88 -1.83 5.38
CA PHE A 12 -0.18 -2.47 4.62
C PHE A 12 -1.16 -1.44 4.07
N CYS A 13 -1.68 -1.69 2.87
CA CYS A 13 -2.63 -0.78 2.25
C CYS A 13 -4.02 -0.95 2.86
N ASN A 14 -4.59 0.16 3.31
CA ASN A 14 -5.92 0.13 3.91
C ASN A 14 -7.00 0.19 2.84
N GLU A 15 -6.83 1.08 1.87
CA GLU A 15 -7.80 1.22 0.78
C GLU A 15 -8.12 -0.13 0.16
N CYS A 16 -7.08 -0.86 -0.21
CA CYS A 16 -7.25 -2.18 -0.83
C CYS A 16 -6.64 -3.27 0.05
N ASP A 17 -6.87 -4.53 -0.33
CA ASP A 17 -6.35 -5.66 0.42
C ASP A 17 -4.96 -6.04 -0.08
N CYS A 18 -3.93 -5.39 0.45
CA CYS A 18 -2.56 -5.66 0.04
C CYS A 18 -1.59 -5.34 1.19
N ARG A 19 -0.32 -5.69 0.98
CA ARG A 19 0.70 -5.45 2.00
C ARG A 19 2.07 -5.24 1.34
N PHE A 20 2.98 -4.62 2.09
CA PHE A 20 4.33 -4.36 1.58
C PHE A 20 5.35 -4.42 2.72
N SER A 21 6.62 -4.45 2.35
CA SER A 21 7.71 -4.52 3.32
C SER A 21 8.16 -3.12 3.73
N GLU A 22 8.45 -2.29 2.72
CA GLU A 22 8.89 -0.93 2.97
C GLU A 22 7.74 0.06 2.83
N GLU A 23 7.95 1.28 3.31
CA GLU A 23 6.91 2.32 3.22
C GLU A 23 6.85 2.90 1.82
N ALA A 24 7.99 2.91 1.13
CA ALA A 24 8.05 3.44 -0.23
C ALA A 24 7.30 2.54 -1.21
N SER A 25 7.60 1.25 -1.18
CA SER A 25 6.96 0.30 -2.06
C SER A 25 5.45 0.53 -2.12
N LEU A 26 4.87 0.89 -0.98
CA LEU A 26 3.44 1.16 -0.89
C LEU A 26 3.08 2.45 -1.62
N LYS A 27 3.90 3.48 -1.44
CA LYS A 27 3.67 4.77 -2.08
C LYS A 27 3.44 4.59 -3.57
N ARG A 28 4.37 3.93 -4.24
CA ARG A 28 4.27 3.70 -5.68
C ARG A 28 2.99 2.93 -6.01
N HIS A 29 2.72 1.88 -5.26
CA HIS A 29 1.53 1.07 -5.48
C HIS A 29 0.27 1.92 -5.42
N THR A 30 0.17 2.75 -4.40
CA THR A 30 -0.98 3.63 -4.23
C THR A 30 -1.04 4.69 -5.33
N LEU A 31 0.12 5.29 -5.62
CA LEU A 31 0.20 6.32 -6.64
C LEU A 31 -0.22 5.77 -8.00
N GLN A 32 0.15 4.52 -8.27
CA GLN A 32 -0.20 3.88 -9.54
C GLN A 32 -1.57 3.23 -9.46
N THR A 33 -1.70 2.21 -8.61
CA THR A 33 -2.96 1.50 -8.44
C THR A 33 -4.10 2.47 -8.14
N HIS A 34 -3.90 3.31 -7.13
CA HIS A 34 -4.91 4.29 -6.74
C HIS A 34 -4.57 5.66 -7.29
N SER A 35 -5.50 6.61 -7.14
CA SER A 35 -5.30 7.97 -7.63
C SER A 35 -5.19 8.95 -6.47
N ASP A 36 -4.08 9.66 -6.41
CA ASP A 36 -3.85 10.64 -5.35
C ASP A 36 -3.64 12.03 -5.93
N LYS A 37 -4.74 12.73 -6.21
CA LYS A 37 -4.68 14.07 -6.76
C LYS A 37 -3.55 14.88 -6.12
N SER A 38 -2.68 15.43 -6.96
CA SER A 38 -1.55 16.22 -6.48
C SER A 38 -0.94 17.05 -7.61
N GLY A 39 -0.79 18.35 -7.36
CA GLY A 39 -0.22 19.22 -8.37
C GLY A 39 -0.43 20.69 -8.04
N PRO A 40 0.55 21.53 -8.42
CA PRO A 40 0.50 22.97 -8.17
C PRO A 40 -0.56 23.67 -9.02
N SER A 41 -0.58 23.35 -10.31
CA SER A 41 -1.53 23.95 -11.23
C SER A 41 -2.18 22.88 -12.11
N SER A 42 -3.39 23.16 -12.58
CA SER A 42 -4.12 22.23 -13.42
C SER A 42 -3.25 21.75 -14.59
N GLY A 43 -2.82 22.70 -15.41
CA GLY A 43 -1.98 22.36 -16.55
C GLY A 43 -2.73 22.50 -17.87
N GLY A 1 5.24 -27.01 10.37
CA GLY A 1 6.63 -26.80 10.79
C GLY A 1 6.94 -25.35 11.09
N SER A 2 8.22 -25.02 11.10
CA SER A 2 8.66 -23.66 11.38
C SER A 2 8.16 -22.70 10.31
N SER A 3 8.03 -21.43 10.67
CA SER A 3 7.55 -20.41 9.74
C SER A 3 8.62 -19.34 9.51
N GLY A 4 9.13 -18.79 10.61
CA GLY A 4 10.16 -17.76 10.51
C GLY A 4 9.72 -16.59 9.65
N SER A 5 8.78 -15.81 10.18
CA SER A 5 8.27 -14.65 9.45
C SER A 5 8.47 -13.37 10.26
N SER A 6 8.22 -13.46 11.56
CA SER A 6 8.37 -12.31 12.46
C SER A 6 7.56 -11.12 11.94
N GLY A 7 6.28 -11.37 11.62
CA GLY A 7 5.42 -10.31 11.13
C GLY A 7 6.14 -9.39 10.16
N ASN A 8 6.87 -9.98 9.21
CA ASN A 8 7.60 -9.20 8.22
C ASN A 8 6.65 -8.39 7.35
N GLY A 9 6.74 -7.06 7.46
CA GLY A 9 5.88 -6.20 6.69
C GLY A 9 4.75 -5.60 7.51
N ALA A 10 4.88 -4.32 7.85
CA ALA A 10 3.86 -3.63 8.63
C ALA A 10 3.27 -2.46 7.88
N PHE A 11 3.34 -2.52 6.54
CA PHE A 11 2.81 -1.46 5.70
C PHE A 11 1.70 -1.98 4.80
N PHE A 12 0.46 -1.79 5.22
CA PHE A 12 -0.70 -2.23 4.46
C PHE A 12 -1.37 -1.07 3.76
N CYS A 13 -1.99 -1.34 2.61
CA CYS A 13 -2.66 -0.32 1.83
C CYS A 13 -4.10 -0.12 2.33
N ASN A 14 -4.57 1.12 2.29
CA ASN A 14 -5.91 1.43 2.75
C ASN A 14 -6.95 0.96 1.73
N GLU A 15 -6.78 1.38 0.48
CA GLU A 15 -7.70 1.00 -0.59
C GLU A 15 -7.92 -0.51 -0.60
N CYS A 16 -6.90 -1.25 -1.01
CA CYS A 16 -6.98 -2.71 -1.07
C CYS A 16 -6.22 -3.34 0.07
N ASP A 17 -6.48 -4.61 0.33
CA ASP A 17 -5.82 -5.35 1.41
C ASP A 17 -4.52 -5.96 0.92
N CYS A 18 -3.48 -5.14 0.80
CA CYS A 18 -2.18 -5.61 0.34
C CYS A 18 -1.12 -5.42 1.43
N ARG A 19 0.07 -5.97 1.19
CA ARG A 19 1.17 -5.85 2.15
C ARG A 19 2.47 -5.52 1.43
N PHE A 20 3.42 -4.96 2.18
CA PHE A 20 4.71 -4.59 1.62
C PHE A 20 5.80 -4.65 2.67
N SER A 21 7.04 -4.90 2.24
CA SER A 21 8.16 -4.99 3.15
C SER A 21 8.89 -3.66 3.25
N GLU A 22 8.27 -2.61 2.73
CA GLU A 22 8.85 -1.27 2.77
C GLU A 22 7.78 -0.20 2.56
N GLU A 23 8.12 1.04 2.90
CA GLU A 23 7.19 2.15 2.75
C GLU A 23 7.26 2.73 1.34
N ALA A 24 8.25 2.30 0.57
CA ALA A 24 8.43 2.78 -0.80
C ALA A 24 7.38 2.17 -1.73
N SER A 25 7.35 0.84 -1.79
CA SER A 25 6.40 0.15 -2.65
C SER A 25 4.96 0.49 -2.26
N LEU A 26 4.79 0.97 -1.03
CA LEU A 26 3.46 1.34 -0.53
C LEU A 26 3.01 2.66 -1.14
N LYS A 27 3.80 3.71 -0.93
CA LYS A 27 3.49 5.03 -1.46
C LYS A 27 3.25 4.97 -2.96
N ARG A 28 4.21 4.40 -3.68
CA ARG A 28 4.11 4.28 -5.13
C ARG A 28 2.88 3.47 -5.53
N HIS A 29 2.58 2.44 -4.74
CA HIS A 29 1.43 1.57 -5.01
C HIS A 29 0.12 2.35 -4.87
N THR A 30 -0.08 2.93 -3.69
CA THR A 30 -1.29 3.70 -3.43
C THR A 30 -1.50 4.76 -4.50
N LEU A 31 -0.44 5.10 -5.22
CA LEU A 31 -0.53 6.11 -6.27
C LEU A 31 -0.92 5.47 -7.60
N GLN A 32 -0.08 4.58 -8.10
CA GLN A 32 -0.34 3.90 -9.37
C GLN A 32 -1.56 2.99 -9.25
N THR A 33 -1.46 2.01 -8.35
CA THR A 33 -2.56 1.06 -8.15
C THR A 33 -3.86 1.79 -7.87
N HIS A 34 -3.78 2.89 -7.13
CA HIS A 34 -4.96 3.68 -6.78
C HIS A 34 -4.72 5.16 -7.08
N SER A 35 -4.87 5.53 -8.34
CA SER A 35 -4.66 6.91 -8.76
C SER A 35 -5.91 7.76 -8.45
N ASP A 36 -5.84 8.52 -7.36
CA ASP A 36 -6.94 9.38 -6.96
C ASP A 36 -6.46 10.79 -6.64
N LYS A 37 -7.06 11.78 -7.29
CA LYS A 37 -6.69 13.17 -7.08
C LYS A 37 -6.62 13.49 -5.59
N SER A 38 -5.79 14.48 -5.25
CA SER A 38 -5.63 14.88 -3.85
C SER A 38 -5.93 16.36 -3.69
N GLY A 39 -6.88 16.68 -2.81
CA GLY A 39 -7.24 18.06 -2.57
C GLY A 39 -7.90 18.26 -1.22
N PRO A 40 -9.24 18.24 -1.21
CA PRO A 40 -10.02 18.42 0.02
C PRO A 40 -9.89 17.24 0.97
N SER A 41 -9.68 17.52 2.25
CA SER A 41 -9.52 16.48 3.25
C SER A 41 -10.51 15.34 3.00
N SER A 42 -11.77 15.68 2.76
CA SER A 42 -12.81 14.69 2.52
C SER A 42 -12.56 13.98 1.19
N GLY A 43 -12.79 12.67 1.17
CA GLY A 43 -12.58 11.90 -0.03
C GLY A 43 -11.94 10.55 0.23
N GLY A 1 0.39 -15.21 20.75
CA GLY A 1 1.52 -14.54 20.15
C GLY A 1 2.49 -15.51 19.50
N SER A 2 3.77 -15.39 19.84
CA SER A 2 4.80 -16.26 19.28
C SER A 2 4.53 -16.54 17.81
N SER A 3 4.29 -15.47 17.05
CA SER A 3 4.02 -15.60 15.62
C SER A 3 5.31 -15.55 14.81
N GLY A 4 6.12 -14.53 15.06
CA GLY A 4 7.37 -14.38 14.35
C GLY A 4 7.23 -13.56 13.07
N SER A 5 7.06 -14.26 11.95
CA SER A 5 6.92 -13.59 10.66
C SER A 5 5.51 -13.76 10.12
N SER A 6 5.10 -15.01 9.93
CA SER A 6 3.78 -15.31 9.41
C SER A 6 2.70 -14.81 10.35
N GLY A 7 1.74 -14.06 9.80
CA GLY A 7 0.66 -13.53 10.61
C GLY A 7 0.44 -12.05 10.38
N ASN A 8 1.52 -11.29 10.34
CA ASN A 8 1.43 -9.84 10.12
C ASN A 8 2.35 -9.42 8.98
N GLY A 9 2.30 -8.13 8.65
CA GLY A 9 3.14 -7.61 7.58
C GLY A 9 3.92 -6.38 8.00
N ALA A 10 4.47 -5.66 7.01
CA ALA A 10 5.24 -4.46 7.29
C ALA A 10 4.46 -3.21 6.91
N PHE A 11 3.75 -3.28 5.79
CA PHE A 11 2.96 -2.15 5.31
C PHE A 11 1.72 -2.63 4.56
N PHE A 12 0.55 -2.16 5.01
CA PHE A 12 -0.71 -2.55 4.39
C PHE A 12 -1.38 -1.34 3.74
N CYS A 13 -1.72 -1.48 2.46
CA CYS A 13 -2.37 -0.40 1.72
C CYS A 13 -3.61 0.08 2.45
N ASN A 14 -4.03 1.31 2.15
CA ASN A 14 -5.20 1.90 2.78
C ASN A 14 -6.46 1.59 1.98
N GLU A 15 -6.42 1.92 0.69
CA GLU A 15 -7.57 1.68 -0.18
C GLU A 15 -7.89 0.18 -0.26
N CYS A 16 -6.92 -0.61 -0.70
CA CYS A 16 -7.10 -2.05 -0.82
C CYS A 16 -6.26 -2.79 0.22
N ASP A 17 -6.42 -4.11 0.28
CA ASP A 17 -5.67 -4.92 1.22
C ASP A 17 -4.47 -5.59 0.54
N CYS A 18 -3.28 -5.21 0.97
CA CYS A 18 -2.06 -5.77 0.41
C CYS A 18 -0.94 -5.80 1.45
N ARG A 19 0.21 -6.34 1.06
CA ARG A 19 1.36 -6.43 1.97
C ARG A 19 2.64 -5.96 1.27
N PHE A 20 3.42 -5.17 1.99
CA PHE A 20 4.67 -4.65 1.44
C PHE A 20 5.79 -4.72 2.47
N SER A 21 7.02 -4.46 2.04
CA SER A 21 8.18 -4.49 2.93
C SER A 21 8.60 -3.09 3.33
N GLU A 22 8.73 -2.21 2.33
CA GLU A 22 9.12 -0.82 2.59
C GLU A 22 7.93 0.11 2.45
N GLU A 23 8.07 1.31 3.01
CA GLU A 23 7.00 2.31 2.95
C GLU A 23 6.85 2.86 1.53
N ALA A 24 7.96 2.94 0.81
CA ALA A 24 7.95 3.45 -0.56
C ALA A 24 7.08 2.58 -1.45
N SER A 25 7.09 1.28 -1.20
CA SER A 25 6.30 0.34 -2.00
C SER A 25 4.81 0.62 -1.85
N LEU A 26 4.37 0.83 -0.62
CA LEU A 26 2.96 1.11 -0.34
C LEU A 26 2.53 2.41 -1.01
N LYS A 27 3.08 3.53 -0.53
CA LYS A 27 2.75 4.84 -1.08
C LYS A 27 2.70 4.79 -2.60
N ARG A 28 3.72 4.19 -3.21
CA ARG A 28 3.80 4.08 -4.66
C ARG A 28 2.66 3.23 -5.19
N HIS A 29 2.47 2.05 -4.61
CA HIS A 29 1.42 1.13 -5.02
C HIS A 29 0.08 1.86 -5.11
N THR A 30 -0.18 2.72 -4.13
CA THR A 30 -1.43 3.47 -4.09
C THR A 30 -1.52 4.45 -5.27
N LEU A 31 -0.45 5.18 -5.51
CA LEU A 31 -0.40 6.15 -6.60
C LEU A 31 -0.58 5.45 -7.94
N GLN A 32 0.08 4.31 -8.10
CA GLN A 32 0.00 3.54 -9.34
C GLN A 32 -1.29 2.73 -9.40
N THR A 33 -1.41 1.76 -8.49
CA THR A 33 -2.58 0.90 -8.42
C THR A 33 -3.86 1.74 -8.39
N HIS A 34 -3.88 2.74 -7.52
CA HIS A 34 -5.05 3.61 -7.39
C HIS A 34 -4.78 4.98 -8.03
N SER A 35 -5.59 5.34 -9.02
CA SER A 35 -5.43 6.61 -9.70
C SER A 35 -6.77 7.10 -10.25
N ASP A 36 -7.07 8.37 -10.04
CA ASP A 36 -8.31 8.96 -10.51
C ASP A 36 -8.04 10.24 -11.30
N LYS A 37 -9.11 10.84 -11.82
CA LYS A 37 -8.99 12.07 -12.60
C LYS A 37 -10.13 13.03 -12.27
N SER A 38 -9.81 14.32 -12.17
CA SER A 38 -10.80 15.33 -11.86
C SER A 38 -10.48 16.65 -12.55
N GLY A 39 -11.36 17.08 -13.46
CA GLY A 39 -11.14 18.31 -14.19
C GLY A 39 -11.39 19.53 -13.33
N PRO A 40 -12.61 20.08 -13.42
CA PRO A 40 -13.00 21.27 -12.65
C PRO A 40 -13.13 20.98 -11.15
N SER A 41 -13.39 19.72 -10.82
CA SER A 41 -13.53 19.32 -9.42
C SER A 41 -12.19 18.91 -8.84
N SER A 42 -12.16 18.68 -7.52
CA SER A 42 -10.94 18.29 -6.84
C SER A 42 -9.82 19.28 -7.11
N GLY A 43 -10.15 20.56 -7.08
CA GLY A 43 -9.16 21.61 -7.32
C GLY A 43 -9.29 22.22 -8.69
N GLY A 1 -3.64 -10.82 22.08
CA GLY A 1 -2.44 -10.56 22.86
C GLY A 1 -1.17 -10.80 22.07
N SER A 2 -0.39 -9.75 21.86
CA SER A 2 0.86 -9.85 21.11
C SER A 2 1.72 -8.62 21.32
N SER A 3 2.92 -8.63 20.74
CA SER A 3 3.84 -7.52 20.87
C SER A 3 4.53 -7.22 19.54
N GLY A 4 4.27 -6.03 19.01
CA GLY A 4 4.86 -5.63 17.74
C GLY A 4 4.21 -6.32 16.55
N SER A 5 4.35 -5.73 15.37
CA SER A 5 3.76 -6.28 14.17
C SER A 5 4.37 -7.65 13.85
N SER A 6 3.51 -8.60 13.49
CA SER A 6 3.96 -9.96 13.16
C SER A 6 5.09 -9.91 12.14
N GLY A 7 4.82 -9.29 11.00
CA GLY A 7 5.83 -9.19 9.95
C GLY A 7 6.76 -8.01 10.15
N ASN A 8 7.64 -7.78 9.17
CA ASN A 8 8.59 -6.67 9.25
C ASN A 8 7.94 -5.37 8.78
N GLY A 9 7.24 -5.44 7.65
CA GLY A 9 6.59 -4.25 7.12
C GLY A 9 5.12 -4.19 7.48
N ALA A 10 4.81 -3.50 8.57
CA ALA A 10 3.43 -3.36 9.01
C ALA A 10 2.70 -2.26 8.23
N PHE A 11 2.95 -2.21 6.93
CA PHE A 11 2.32 -1.20 6.08
C PHE A 11 1.25 -1.84 5.19
N PHE A 12 0.01 -1.76 5.65
CA PHE A 12 -1.11 -2.33 4.90
C PHE A 12 -1.91 -1.23 4.19
N CYS A 13 -2.14 -1.42 2.89
CA CYS A 13 -2.87 -0.44 2.10
C CYS A 13 -4.32 -0.35 2.57
N ASN A 14 -4.75 0.86 2.90
CA ASN A 14 -6.12 1.08 3.37
C ASN A 14 -7.13 0.76 2.27
N GLU A 15 -6.86 1.27 1.07
CA GLU A 15 -7.75 1.04 -0.07
C GLU A 15 -7.99 -0.45 -0.27
N CYS A 16 -6.93 -1.18 -0.61
CA CYS A 16 -7.03 -2.62 -0.84
C CYS A 16 -6.09 -3.38 0.10
N ASP A 17 -6.32 -4.69 0.22
CA ASP A 17 -5.50 -5.52 1.09
C ASP A 17 -4.22 -5.94 0.37
N CYS A 18 -3.12 -5.27 0.71
CA CYS A 18 -1.83 -5.58 0.10
C CYS A 18 -0.69 -5.29 1.07
N ARG A 19 0.17 -6.28 1.28
CA ARG A 19 1.30 -6.13 2.19
C ARG A 19 2.54 -5.66 1.44
N PHE A 20 3.39 -4.90 2.13
CA PHE A 20 4.61 -4.38 1.53
C PHE A 20 5.79 -4.53 2.48
N SER A 21 6.98 -4.66 1.92
CA SER A 21 8.19 -4.82 2.72
C SER A 21 8.74 -3.46 3.15
N GLU A 22 8.70 -2.49 2.24
CA GLU A 22 9.19 -1.15 2.52
C GLU A 22 8.16 -0.10 2.13
N GLU A 23 8.06 0.96 2.94
CA GLU A 23 7.12 2.03 2.67
C GLU A 23 7.13 2.41 1.19
N ALA A 24 8.33 2.55 0.62
CA ALA A 24 8.48 2.90 -0.78
C ALA A 24 7.42 2.22 -1.63
N SER A 25 7.38 0.89 -1.56
CA SER A 25 6.42 0.11 -2.33
C SER A 25 4.99 0.59 -2.07
N LEU A 26 4.68 0.83 -0.80
CA LEU A 26 3.35 1.29 -0.43
C LEU A 26 3.02 2.62 -1.09
N LYS A 27 3.83 3.64 -0.80
CA LYS A 27 3.63 4.96 -1.37
C LYS A 27 3.29 4.87 -2.86
N ARG A 28 4.22 4.33 -3.64
CA ARG A 28 4.02 4.18 -5.08
C ARG A 28 2.78 3.35 -5.37
N HIS A 29 2.70 2.18 -4.74
CA HIS A 29 1.56 1.29 -4.92
C HIS A 29 0.25 2.08 -4.95
N THR A 30 0.19 3.14 -4.17
CA THR A 30 -1.01 3.97 -4.11
C THR A 30 -1.18 4.77 -5.39
N LEU A 31 -0.15 5.50 -5.78
CA LEU A 31 -0.19 6.31 -7.00
C LEU A 31 -0.24 5.43 -8.24
N GLN A 32 0.08 4.15 -8.06
CA GLN A 32 0.07 3.20 -9.17
C GLN A 32 -1.35 2.91 -9.63
N THR A 33 -2.17 2.37 -8.72
CA THR A 33 -3.56 2.05 -9.03
C THR A 33 -4.51 2.98 -8.31
N HIS A 34 -4.18 3.31 -7.06
CA HIS A 34 -5.01 4.21 -6.26
C HIS A 34 -4.64 5.66 -6.51
N SER A 35 -4.98 6.17 -7.68
CA SER A 35 -4.68 7.56 -8.04
C SER A 35 -5.84 8.18 -8.81
N ASP A 36 -5.76 9.49 -9.02
CA ASP A 36 -6.80 10.22 -9.74
C ASP A 36 -6.22 10.96 -10.93
N LYS A 37 -5.35 10.29 -11.68
CA LYS A 37 -4.73 10.89 -12.85
C LYS A 37 -4.84 9.97 -14.06
N SER A 38 -6.01 9.33 -14.21
CA SER A 38 -6.25 8.43 -15.33
C SER A 38 -7.71 7.97 -15.35
N GLY A 39 -8.17 7.56 -16.53
CA GLY A 39 -9.54 7.11 -16.67
C GLY A 39 -9.64 5.77 -17.35
N PRO A 40 -9.86 5.79 -18.68
CA PRO A 40 -9.98 4.58 -19.49
C PRO A 40 -8.66 3.84 -19.63
N SER A 41 -7.57 4.52 -19.27
CA SER A 41 -6.24 3.92 -19.36
C SER A 41 -6.00 2.95 -18.21
N SER A 42 -5.79 1.68 -18.54
CA SER A 42 -5.55 0.65 -17.53
C SER A 42 -4.14 0.08 -17.66
N GLY A 43 -3.17 0.79 -17.11
CA GLY A 43 -1.79 0.34 -17.18
C GLY A 43 -1.47 -0.36 -18.49
N GLY A 1 1.58 -21.30 10.27
CA GLY A 1 2.68 -20.39 10.51
C GLY A 1 3.83 -20.61 9.55
N SER A 2 4.68 -19.60 9.40
CA SER A 2 5.82 -19.69 8.51
C SER A 2 7.08 -20.11 9.26
N SER A 3 8.05 -20.66 8.54
CA SER A 3 9.29 -21.11 9.16
C SER A 3 10.44 -20.18 8.78
N GLY A 4 10.72 -19.20 9.64
CA GLY A 4 11.79 -18.26 9.38
C GLY A 4 11.32 -17.05 8.60
N SER A 5 10.36 -16.32 9.17
CA SER A 5 9.82 -15.14 8.52
C SER A 5 10.10 -13.89 9.36
N SER A 6 9.70 -12.73 8.83
CA SER A 6 9.91 -11.47 9.53
C SER A 6 8.64 -10.63 9.52
N GLY A 7 7.79 -10.84 10.52
CA GLY A 7 6.54 -10.10 10.62
C GLY A 7 5.64 -10.35 9.43
N ASN A 8 4.34 -10.14 9.63
CA ASN A 8 3.36 -10.34 8.56
C ASN A 8 3.34 -9.16 7.61
N GLY A 9 3.35 -7.95 8.16
CA GLY A 9 3.34 -6.76 7.34
C GLY A 9 3.44 -5.48 8.16
N ALA A 10 4.22 -4.52 7.67
CA ALA A 10 4.41 -3.26 8.37
C ALA A 10 3.53 -2.17 7.77
N PHE A 11 3.50 -2.09 6.44
CA PHE A 11 2.69 -1.10 5.74
C PHE A 11 1.65 -1.76 4.86
N PHE A 12 0.45 -1.93 5.40
CA PHE A 12 -0.64 -2.56 4.66
C PHE A 12 -1.57 -1.50 4.06
N CYS A 13 -1.77 -1.58 2.75
CA CYS A 13 -2.64 -0.63 2.06
C CYS A 13 -3.99 -0.50 2.77
N ASN A 14 -4.54 0.70 2.73
CA ASN A 14 -5.83 0.97 3.38
C ASN A 14 -6.98 0.77 2.39
N GLU A 15 -6.84 1.35 1.21
CA GLU A 15 -7.87 1.24 0.18
C GLU A 15 -8.16 -0.23 -0.15
N CYS A 16 -7.12 -0.96 -0.53
CA CYS A 16 -7.26 -2.37 -0.87
C CYS A 16 -6.49 -3.24 0.12
N ASP A 17 -6.50 -4.55 -0.13
CA ASP A 17 -5.81 -5.49 0.74
C ASP A 17 -4.48 -5.91 0.14
N CYS A 18 -3.39 -5.39 0.70
CA CYS A 18 -2.05 -5.70 0.21
C CYS A 18 -1.02 -5.56 1.32
N ARG A 19 0.16 -6.13 1.10
CA ARG A 19 1.23 -6.07 2.09
C ARG A 19 2.52 -5.51 1.46
N PHE A 20 3.23 -4.69 2.23
CA PHE A 20 4.47 -4.10 1.76
C PHE A 20 5.43 -3.83 2.91
N SER A 21 6.60 -4.46 2.86
CA SER A 21 7.60 -4.31 3.91
C SER A 21 8.52 -3.12 3.61
N GLU A 22 7.95 -2.07 3.02
CA GLU A 22 8.71 -0.88 2.68
C GLU A 22 7.79 0.25 2.24
N GLU A 23 7.69 1.28 3.07
CA GLU A 23 6.84 2.43 2.76
C GLU A 23 6.88 2.76 1.27
N ALA A 24 8.09 2.84 0.73
CA ALA A 24 8.28 3.15 -0.69
C ALA A 24 7.40 2.25 -1.56
N SER A 25 7.58 0.94 -1.43
CA SER A 25 6.79 -0.02 -2.21
C SER A 25 5.32 0.39 -2.25
N LEU A 26 4.77 0.70 -1.09
CA LEU A 26 3.37 1.10 -0.98
C LEU A 26 3.12 2.40 -1.73
N LYS A 27 3.70 3.48 -1.23
CA LYS A 27 3.54 4.79 -1.86
C LYS A 27 3.48 4.66 -3.38
N ARG A 28 4.17 3.67 -3.92
CA ARG A 28 4.20 3.44 -5.36
C ARG A 28 2.91 2.79 -5.82
N HIS A 29 2.49 1.74 -5.10
CA HIS A 29 1.26 1.03 -5.45
C HIS A 29 0.04 1.92 -5.23
N THR A 30 0.02 2.65 -4.12
CA THR A 30 -1.09 3.53 -3.81
C THR A 30 -1.17 4.68 -4.81
N LEU A 31 -0.02 5.23 -5.16
CA LEU A 31 0.04 6.34 -6.11
C LEU A 31 -0.26 5.87 -7.52
N GLN A 32 0.18 4.66 -7.84
CA GLN A 32 -0.05 4.09 -9.17
C GLN A 32 -1.42 3.44 -9.25
N THR A 33 -1.61 2.37 -8.48
CA THR A 33 -2.88 1.66 -8.47
C THR A 33 -4.04 2.59 -8.13
N HIS A 34 -3.90 3.31 -7.01
CA HIS A 34 -4.94 4.24 -6.58
C HIS A 34 -4.56 5.67 -6.93
N SER A 35 -4.76 6.04 -8.19
CA SER A 35 -4.45 7.38 -8.66
C SER A 35 -5.71 8.22 -8.84
N ASP A 36 -5.55 9.54 -8.86
CA ASP A 36 -6.68 10.44 -9.03
C ASP A 36 -6.67 11.09 -10.41
N LYS A 37 -7.85 11.47 -10.88
CA LYS A 37 -7.98 12.10 -12.19
C LYS A 37 -8.12 13.60 -12.07
N SER A 38 -7.00 14.29 -11.85
CA SER A 38 -7.00 15.73 -11.70
C SER A 38 -5.58 16.27 -11.61
N GLY A 39 -5.38 17.50 -12.07
CA GLY A 39 -4.06 18.11 -12.03
C GLY A 39 -3.64 18.67 -13.38
N PRO A 40 -2.89 19.77 -13.35
CA PRO A 40 -2.39 20.43 -14.57
C PRO A 40 -1.34 19.60 -15.29
N SER A 41 -0.92 20.06 -16.46
CA SER A 41 0.10 19.36 -17.24
C SER A 41 -0.06 17.85 -17.11
N SER A 42 -1.29 17.38 -17.24
CA SER A 42 -1.57 15.95 -17.12
C SER A 42 -2.08 15.38 -18.45
N GLY A 43 -2.97 16.11 -19.09
CA GLY A 43 -3.51 15.67 -20.37
C GLY A 43 -4.47 16.67 -20.98
N GLY A 1 4.96 -21.21 17.52
CA GLY A 1 4.56 -22.34 16.71
C GLY A 1 3.81 -21.90 15.45
N SER A 2 3.95 -22.68 14.39
CA SER A 2 3.29 -22.37 13.12
C SER A 2 1.80 -22.13 13.33
N SER A 3 1.34 -20.92 12.99
CA SER A 3 -0.06 -20.56 13.15
C SER A 3 -0.58 -19.87 11.90
N GLY A 4 -1.90 -19.73 11.81
CA GLY A 4 -2.51 -19.09 10.66
C GLY A 4 -2.47 -17.58 10.75
N SER A 5 -1.27 -17.02 10.62
CA SER A 5 -1.09 -15.57 10.68
C SER A 5 -0.11 -15.10 9.62
N SER A 6 -0.20 -13.82 9.27
CA SER A 6 0.67 -13.23 8.26
C SER A 6 2.13 -13.32 8.68
N GLY A 7 3.03 -13.14 7.72
CA GLY A 7 4.45 -13.20 8.02
C GLY A 7 5.10 -11.83 8.05
N ASN A 8 4.95 -11.08 6.96
CA ASN A 8 5.52 -9.74 6.87
C ASN A 8 4.52 -8.76 6.27
N GLY A 9 4.80 -7.47 6.44
CA GLY A 9 3.92 -6.45 5.90
C GLY A 9 3.84 -5.23 6.79
N ALA A 10 5.00 -4.74 7.22
CA ALA A 10 5.05 -3.57 8.09
C ALA A 10 4.06 -2.50 7.63
N PHE A 11 4.05 -2.23 6.33
CA PHE A 11 3.15 -1.23 5.77
C PHE A 11 2.11 -1.88 4.86
N PHE A 12 0.84 -1.71 5.19
CA PHE A 12 -0.24 -2.28 4.40
C PHE A 12 -1.09 -1.19 3.74
N CYS A 13 -1.68 -1.51 2.60
CA CYS A 13 -2.51 -0.56 1.87
C CYS A 13 -3.83 -0.32 2.58
N ASN A 14 -4.33 0.90 2.52
CA ASN A 14 -5.59 1.26 3.16
C ASN A 14 -6.76 1.00 2.23
N GLU A 15 -6.68 1.53 1.01
CA GLU A 15 -7.73 1.35 0.03
C GLU A 15 -8.03 -0.13 -0.19
N CYS A 16 -6.99 -0.89 -0.54
CA CYS A 16 -7.15 -2.32 -0.77
C CYS A 16 -6.30 -3.13 0.20
N ASP A 17 -6.45 -4.44 0.16
CA ASP A 17 -5.70 -5.33 1.05
C ASP A 17 -4.43 -5.85 0.36
N CYS A 18 -3.30 -5.24 0.69
CA CYS A 18 -2.03 -5.64 0.10
C CYS A 18 -0.87 -5.29 1.03
N ARG A 19 -0.09 -6.31 1.40
CA ARG A 19 1.05 -6.11 2.29
C ARG A 19 2.30 -5.73 1.50
N PHE A 20 3.17 -4.94 2.13
CA PHE A 20 4.40 -4.51 1.48
C PHE A 20 5.59 -4.64 2.43
N SER A 21 6.79 -4.61 1.86
CA SER A 21 8.01 -4.74 2.66
C SER A 21 8.41 -3.39 3.26
N GLU A 22 8.45 -2.37 2.43
CA GLU A 22 8.82 -1.03 2.87
C GLU A 22 7.68 -0.04 2.64
N GLU A 23 7.75 1.11 3.29
CA GLU A 23 6.72 2.13 3.16
C GLU A 23 6.68 2.68 1.73
N ALA A 24 7.86 2.95 1.18
CA ALA A 24 7.96 3.46 -0.19
C ALA A 24 7.20 2.58 -1.16
N SER A 25 7.42 1.28 -1.09
CA SER A 25 6.75 0.33 -1.97
C SER A 25 5.24 0.57 -1.98
N LEU A 26 4.64 0.58 -0.79
CA LEU A 26 3.21 0.79 -0.66
C LEU A 26 2.77 2.07 -1.37
N LYS A 27 3.36 3.19 -0.97
CA LYS A 27 3.04 4.48 -1.58
C LYS A 27 2.95 4.36 -3.10
N ARG A 28 4.05 3.96 -3.72
CA ARG A 28 4.10 3.80 -5.16
C ARG A 28 2.89 3.03 -5.67
N HIS A 29 2.59 1.90 -5.03
CA HIS A 29 1.46 1.07 -5.41
C HIS A 29 0.18 1.89 -5.42
N THR A 30 -0.03 2.68 -4.38
CA THR A 30 -1.23 3.50 -4.27
C THR A 30 -1.22 4.61 -5.32
N LEU A 31 -0.06 5.20 -5.55
CA LEU A 31 0.08 6.27 -6.53
C LEU A 31 -0.44 5.83 -7.90
N GLN A 32 -0.04 4.63 -8.31
CA GLN A 32 -0.47 4.09 -9.60
C GLN A 32 -1.79 3.33 -9.47
N THR A 33 -1.80 2.32 -8.60
CA THR A 33 -3.00 1.52 -8.38
C THR A 33 -4.19 2.41 -8.04
N HIS A 34 -4.02 3.27 -7.04
CA HIS A 34 -5.08 4.18 -6.61
C HIS A 34 -4.72 5.63 -6.93
N SER A 35 -4.99 6.04 -8.17
CA SER A 35 -4.70 7.40 -8.60
C SER A 35 -5.65 8.40 -7.94
N ASP A 36 -5.12 9.57 -7.59
CA ASP A 36 -5.92 10.60 -6.96
C ASP A 36 -6.11 11.79 -7.90
N LYS A 37 -7.31 11.91 -8.46
CA LYS A 37 -7.62 13.00 -9.39
C LYS A 37 -8.22 14.19 -8.64
N SER A 38 -9.22 13.91 -7.81
CA SER A 38 -9.88 14.96 -7.04
C SER A 38 -8.85 15.86 -6.35
N GLY A 39 -8.91 17.15 -6.67
CA GLY A 39 -7.98 18.09 -6.06
C GLY A 39 -8.08 19.47 -6.68
N PRO A 40 -7.00 20.26 -6.55
CA PRO A 40 -6.95 21.63 -7.09
C PRO A 40 -6.89 21.64 -8.61
N SER A 41 -8.04 21.86 -9.25
CA SER A 41 -8.12 21.90 -10.71
C SER A 41 -8.19 23.34 -11.21
N SER A 42 -8.97 24.16 -10.52
CA SER A 42 -9.13 25.56 -10.90
C SER A 42 -7.79 26.30 -10.85
N GLY A 43 -7.39 26.85 -11.99
CA GLY A 43 -6.13 27.57 -12.06
C GLY A 43 -5.56 27.60 -13.47
N GLY A 1 -9.65 -12.03 21.13
CA GLY A 1 -9.12 -13.18 20.41
C GLY A 1 -7.63 -13.34 20.59
N SER A 2 -6.86 -12.92 19.59
CA SER A 2 -5.41 -13.03 19.64
C SER A 2 -4.81 -11.89 20.46
N SER A 3 -3.51 -11.99 20.73
CA SER A 3 -2.81 -10.98 21.52
C SER A 3 -1.31 -11.02 21.24
N GLY A 4 -0.69 -9.84 21.17
CA GLY A 4 0.72 -9.76 20.92
C GLY A 4 1.16 -10.61 19.73
N SER A 5 0.66 -10.26 18.55
CA SER A 5 0.98 -10.99 17.33
C SER A 5 2.34 -10.55 16.78
N SER A 6 2.88 -11.35 15.86
CA SER A 6 4.17 -11.03 15.25
C SER A 6 4.06 -9.83 14.32
N GLY A 7 3.16 -9.93 13.35
CA GLY A 7 2.97 -8.84 12.41
C GLY A 7 3.04 -9.31 10.96
N ASN A 8 1.86 -9.44 10.34
CA ASN A 8 1.80 -9.89 8.95
C ASN A 8 1.63 -8.70 8.01
N GLY A 9 2.74 -8.04 7.69
CA GLY A 9 2.70 -6.89 6.80
C GLY A 9 2.69 -5.57 7.56
N ALA A 10 3.87 -5.10 7.91
CA ALA A 10 4.00 -3.84 8.63
C ALA A 10 3.28 -2.71 7.90
N PHE A 11 3.33 -2.73 6.57
CA PHE A 11 2.69 -1.71 5.76
C PHE A 11 1.61 -2.33 4.87
N PHE A 12 0.38 -1.84 5.01
CA PHE A 12 -0.74 -2.34 4.22
C PHE A 12 -1.57 -1.19 3.67
N CYS A 13 -1.81 -1.20 2.36
CA CYS A 13 -2.59 -0.16 1.72
C CYS A 13 -3.93 0.02 2.42
N ASN A 14 -4.29 1.28 2.68
CA ASN A 14 -5.54 1.59 3.35
C ASN A 14 -6.74 1.20 2.48
N GLU A 15 -6.70 1.61 1.22
CA GLU A 15 -7.78 1.31 0.29
C GLU A 15 -7.94 -0.20 0.13
N CYS A 16 -7.03 -0.81 -0.61
CA CYS A 16 -7.07 -2.25 -0.84
C CYS A 16 -6.19 -3.00 0.17
N ASP A 17 -6.36 -4.31 0.23
CA ASP A 17 -5.58 -5.13 1.15
C ASP A 17 -4.35 -5.72 0.45
N CYS A 18 -3.19 -5.16 0.75
CA CYS A 18 -1.94 -5.63 0.15
C CYS A 18 -0.80 -5.61 1.16
N ARG A 19 0.22 -6.42 0.92
CA ARG A 19 1.38 -6.49 1.81
C ARG A 19 2.60 -5.85 1.17
N PHE A 20 3.44 -5.24 2.00
CA PHE A 20 4.65 -4.58 1.51
C PHE A 20 5.79 -4.73 2.51
N SER A 21 7.02 -4.69 2.01
CA SER A 21 8.19 -4.83 2.87
C SER A 21 8.75 -3.46 3.24
N GLU A 22 8.62 -2.50 2.33
CA GLU A 22 9.12 -1.14 2.57
C GLU A 22 8.00 -0.12 2.34
N GLU A 23 7.86 0.81 3.28
CA GLU A 23 6.85 1.85 3.18
C GLU A 23 6.82 2.45 1.78
N ALA A 24 7.98 2.84 1.28
CA ALA A 24 8.09 3.43 -0.05
C ALA A 24 7.23 2.67 -1.05
N SER A 25 7.37 1.35 -1.06
CA SER A 25 6.61 0.51 -1.99
C SER A 25 5.12 0.85 -1.93
N LEU A 26 4.56 0.81 -0.72
CA LEU A 26 3.15 1.12 -0.53
C LEU A 26 2.77 2.42 -1.22
N LYS A 27 3.52 3.48 -0.92
CA LYS A 27 3.28 4.79 -1.51
C LYS A 27 3.02 4.66 -3.01
N ARG A 28 4.06 4.30 -3.76
CA ARG A 28 3.95 4.16 -5.20
C ARG A 28 2.68 3.38 -5.58
N HIS A 29 2.50 2.21 -4.97
CA HIS A 29 1.33 1.39 -5.23
C HIS A 29 0.05 2.22 -5.20
N THR A 30 -0.06 3.06 -4.18
CA THR A 30 -1.23 3.91 -4.02
C THR A 30 -1.38 4.86 -5.20
N LEU A 31 -0.26 5.22 -5.82
CA LEU A 31 -0.26 6.12 -6.95
C LEU A 31 -0.66 5.39 -8.23
N GLN A 32 -0.01 4.25 -8.49
CA GLN A 32 -0.31 3.46 -9.66
C GLN A 32 -1.58 2.65 -9.48
N THR A 33 -1.58 1.78 -8.47
CA THR A 33 -2.74 0.94 -8.18
C THR A 33 -4.01 1.78 -8.07
N HIS A 34 -3.93 2.87 -7.32
CA HIS A 34 -5.08 3.75 -7.13
C HIS A 34 -4.79 5.13 -7.72
N SER A 35 -5.84 5.79 -8.18
CA SER A 35 -5.72 7.13 -8.77
C SER A 35 -6.53 8.15 -7.99
N ASP A 36 -5.94 8.70 -6.94
CA ASP A 36 -6.61 9.70 -6.11
C ASP A 36 -5.83 11.01 -6.09
N LYS A 37 -4.62 10.96 -5.53
CA LYS A 37 -3.76 12.14 -5.45
C LYS A 37 -3.31 12.58 -6.84
N SER A 38 -2.83 11.63 -7.63
CA SER A 38 -2.36 11.93 -8.98
C SER A 38 -2.95 10.94 -9.99
N GLY A 39 -2.66 11.16 -11.26
CA GLY A 39 -3.17 10.29 -12.31
C GLY A 39 -2.09 9.89 -13.30
N PRO A 40 -1.95 10.69 -14.36
CA PRO A 40 -0.95 10.43 -15.41
C PRO A 40 0.47 10.65 -14.93
N SER A 41 1.09 9.59 -14.42
CA SER A 41 2.46 9.66 -13.91
C SER A 41 3.41 8.85 -14.78
N SER A 42 4.24 9.53 -15.55
CA SER A 42 5.20 8.88 -16.43
C SER A 42 6.39 9.79 -16.72
N GLY A 43 7.58 9.30 -16.43
CA GLY A 43 8.78 10.09 -16.68
C GLY A 43 9.45 9.74 -18.00
N GLY A 1 13.87 -13.86 15.43
CA GLY A 1 13.17 -13.64 14.17
C GLY A 1 13.77 -14.42 13.03
N SER A 2 12.92 -14.98 12.18
CA SER A 2 13.37 -15.77 11.04
C SER A 2 14.62 -15.15 10.41
N SER A 3 15.46 -16.00 9.85
CA SER A 3 16.70 -15.55 9.22
C SER A 3 16.42 -14.93 7.86
N GLY A 4 15.64 -15.63 7.05
CA GLY A 4 15.31 -15.14 5.72
C GLY A 4 14.73 -13.74 5.75
N SER A 5 13.57 -13.59 6.37
CA SER A 5 12.90 -12.29 6.47
C SER A 5 13.80 -11.27 7.16
N SER A 6 14.43 -10.41 6.37
CA SER A 6 15.32 -9.39 6.92
C SER A 6 14.87 -7.99 6.48
N GLY A 7 13.97 -7.40 7.25
CA GLY A 7 13.47 -6.07 6.93
C GLY A 7 12.04 -5.87 7.36
N ASN A 8 11.83 -4.93 8.29
CA ASN A 8 10.49 -4.64 8.80
C ASN A 8 9.49 -4.52 7.65
N GLY A 9 8.44 -5.33 7.70
CA GLY A 9 7.43 -5.30 6.67
C GLY A 9 6.04 -5.09 7.22
N ALA A 10 5.89 -4.06 8.06
CA ALA A 10 4.61 -3.75 8.67
C ALA A 10 3.95 -2.56 7.98
N PHE A 11 3.33 -2.82 6.82
CA PHE A 11 2.67 -1.77 6.06
C PHE A 11 1.60 -2.35 5.14
N PHE A 12 0.37 -1.86 5.30
CA PHE A 12 -0.75 -2.33 4.48
C PHE A 12 -1.48 -1.17 3.84
N CYS A 13 -1.81 -1.32 2.56
CA CYS A 13 -2.52 -0.27 1.83
C CYS A 13 -3.84 0.08 2.51
N ASN A 14 -4.35 1.27 2.23
CA ASN A 14 -5.61 1.73 2.83
C ASN A 14 -6.78 1.37 1.93
N GLU A 15 -6.73 1.81 0.68
CA GLU A 15 -7.80 1.53 -0.28
C GLU A 15 -8.03 0.04 -0.40
N CYS A 16 -6.97 -0.71 -0.67
CA CYS A 16 -7.06 -2.15 -0.82
C CYS A 16 -6.26 -2.86 0.26
N ASP A 17 -6.24 -4.19 0.21
CA ASP A 17 -5.52 -4.99 1.19
C ASP A 17 -4.33 -5.69 0.54
N CYS A 18 -3.13 -5.18 0.81
CA CYS A 18 -1.91 -5.76 0.26
C CYS A 18 -0.76 -5.65 1.25
N ARG A 19 0.29 -6.42 1.00
CA ARG A 19 1.47 -6.40 1.88
C ARG A 19 2.69 -5.84 1.13
N PHE A 20 3.51 -5.09 1.87
CA PHE A 20 4.71 -4.49 1.29
C PHE A 20 5.89 -4.61 2.25
N SER A 21 7.08 -4.75 1.68
CA SER A 21 8.30 -4.88 2.48
C SER A 21 8.82 -3.51 2.89
N GLU A 22 8.78 -2.56 1.96
CA GLU A 22 9.26 -1.21 2.22
C GLU A 22 8.10 -0.20 2.14
N GLU A 23 8.00 0.64 3.16
CA GLU A 23 6.94 1.65 3.21
C GLU A 23 6.78 2.33 1.85
N ALA A 24 7.90 2.74 1.27
CA ALA A 24 7.88 3.40 -0.03
C ALA A 24 7.01 2.64 -1.02
N SER A 25 7.39 1.40 -1.31
CA SER A 25 6.64 0.58 -2.24
C SER A 25 5.14 0.83 -2.12
N LEU A 26 4.66 0.86 -0.89
CA LEU A 26 3.23 1.09 -0.63
C LEU A 26 2.80 2.46 -1.16
N LYS A 27 3.60 3.48 -0.86
CA LYS A 27 3.31 4.84 -1.31
C LYS A 27 3.08 4.88 -2.81
N ARG A 28 4.01 4.31 -3.56
CA ARG A 28 3.91 4.27 -5.02
C ARG A 28 2.68 3.50 -5.46
N HIS A 29 2.46 2.34 -4.84
CA HIS A 29 1.31 1.51 -5.18
C HIS A 29 0.02 2.32 -5.16
N THR A 30 -0.25 2.96 -4.02
CA THR A 30 -1.46 3.77 -3.86
C THR A 30 -1.61 4.74 -5.03
N LEU A 31 -0.50 5.18 -5.59
CA LEU A 31 -0.51 6.11 -6.72
C LEU A 31 -0.55 5.36 -8.04
N GLN A 32 -0.14 4.09 -8.01
CA GLN A 32 -0.13 3.27 -9.21
C GLN A 32 -1.43 2.46 -9.33
N THR A 33 -1.63 1.55 -8.38
CA THR A 33 -2.82 0.70 -8.37
C THR A 33 -4.09 1.55 -8.31
N HIS A 34 -4.11 2.50 -7.38
CA HIS A 34 -5.26 3.38 -7.22
C HIS A 34 -5.01 4.74 -7.86
N SER A 35 -5.23 4.82 -9.17
CA SER A 35 -5.01 6.07 -9.90
C SER A 35 -6.10 7.08 -9.58
N ASP A 36 -5.74 8.12 -8.84
CA ASP A 36 -6.68 9.16 -8.46
C ASP A 36 -7.31 9.80 -9.69
N LYS A 37 -6.47 10.23 -10.64
CA LYS A 37 -6.95 10.85 -11.86
C LYS A 37 -7.97 9.96 -12.56
N SER A 38 -7.67 8.67 -12.65
CA SER A 38 -8.56 7.72 -13.30
C SER A 38 -9.93 7.71 -12.62
N GLY A 39 -10.94 7.23 -13.35
CA GLY A 39 -12.28 7.18 -12.81
C GLY A 39 -12.90 5.79 -12.92
N PRO A 40 -14.23 5.74 -12.88
CA PRO A 40 -14.97 4.48 -12.99
C PRO A 40 -14.89 3.87 -14.38
N SER A 41 -14.63 4.71 -15.38
CA SER A 41 -14.53 4.26 -16.76
C SER A 41 -13.10 4.37 -17.26
N SER A 42 -12.78 3.60 -18.29
CA SER A 42 -11.44 3.60 -18.87
C SER A 42 -10.38 3.69 -17.78
N GLY A 43 -10.58 2.93 -16.70
CA GLY A 43 -9.64 2.94 -15.60
C GLY A 43 -9.64 1.62 -14.83
N GLY A 1 11.08 -15.89 8.77
CA GLY A 1 9.76 -16.02 9.38
C GLY A 1 8.76 -15.04 8.80
N SER A 2 8.08 -15.46 7.74
CA SER A 2 7.09 -14.62 7.08
C SER A 2 6.24 -13.88 8.11
N SER A 3 5.61 -14.64 8.99
CA SER A 3 4.75 -14.06 10.03
C SER A 3 5.58 -13.69 11.27
N GLY A 4 6.04 -12.44 11.30
CA GLY A 4 6.84 -11.99 12.43
C GLY A 4 6.29 -10.72 13.05
N SER A 5 6.61 -10.49 14.32
CA SER A 5 6.14 -9.31 15.03
C SER A 5 7.31 -8.40 15.40
N SER A 6 7.01 -7.13 15.66
CA SER A 6 8.03 -6.15 16.03
C SER A 6 9.18 -6.17 15.02
N GLY A 7 8.82 -6.19 13.73
CA GLY A 7 9.84 -6.20 12.69
C GLY A 7 9.92 -4.88 11.95
N ASN A 8 10.88 -4.77 11.04
CA ASN A 8 11.07 -3.56 10.27
C ASN A 8 10.43 -3.68 8.89
N GLY A 9 9.35 -2.94 8.67
CA GLY A 9 8.67 -2.99 7.39
C GLY A 9 7.23 -3.44 7.53
N ALA A 10 6.44 -2.71 8.32
CA ALA A 10 5.04 -3.04 8.53
C ALA A 10 4.13 -1.97 7.93
N PHE A 11 3.79 -2.13 6.65
CA PHE A 11 2.91 -1.18 5.98
C PHE A 11 1.94 -1.90 5.05
N PHE A 12 0.66 -1.81 5.37
CA PHE A 12 -0.38 -2.46 4.57
C PHE A 12 -1.35 -1.42 3.99
N CYS A 13 -1.66 -1.57 2.71
CA CYS A 13 -2.58 -0.65 2.04
C CYS A 13 -3.97 -0.73 2.65
N ASN A 14 -4.54 0.43 2.96
CA ASN A 14 -5.88 0.49 3.56
C ASN A 14 -6.94 0.46 2.47
N GLU A 15 -6.73 1.23 1.41
CA GLU A 15 -7.68 1.29 0.30
C GLU A 15 -8.03 -0.11 -0.19
N CYS A 16 -7.01 -0.86 -0.60
CA CYS A 16 -7.22 -2.22 -1.09
C CYS A 16 -6.57 -3.24 -0.15
N ASP A 17 -6.78 -4.52 -0.45
CA ASP A 17 -6.22 -5.60 0.35
C ASP A 17 -4.84 -6.00 -0.16
N CYS A 18 -3.80 -5.61 0.58
CA CYS A 18 -2.43 -5.93 0.19
C CYS A 18 -1.45 -5.50 1.28
N ARG A 19 -0.23 -6.00 1.19
CA ARG A 19 0.81 -5.67 2.17
C ARG A 19 2.10 -5.26 1.47
N PHE A 20 2.93 -4.50 2.19
CA PHE A 20 4.20 -4.04 1.63
C PHE A 20 5.23 -3.85 2.74
N SER A 21 6.32 -4.60 2.66
CA SER A 21 7.38 -4.52 3.66
C SER A 21 8.33 -3.36 3.35
N GLU A 22 7.76 -2.24 2.91
CA GLU A 22 8.55 -1.06 2.58
C GLU A 22 7.66 0.12 2.27
N GLU A 23 8.01 1.28 2.84
CA GLU A 23 7.22 2.50 2.63
C GLU A 23 7.22 2.90 1.15
N ALA A 24 8.40 2.88 0.54
CA ALA A 24 8.53 3.23 -0.87
C ALA A 24 7.58 2.41 -1.73
N SER A 25 7.64 1.09 -1.58
CA SER A 25 6.80 0.19 -2.34
C SER A 25 5.33 0.61 -2.26
N LEU A 26 4.82 0.71 -1.03
CA LEU A 26 3.44 1.10 -0.81
C LEU A 26 3.16 2.46 -1.42
N LYS A 27 3.82 3.50 -0.92
CA LYS A 27 3.65 4.85 -1.42
C LYS A 27 3.52 4.85 -2.95
N ARG A 28 4.36 4.06 -3.60
CA ARG A 28 4.35 3.97 -5.06
C ARG A 28 3.12 3.21 -5.54
N HIS A 29 2.68 2.24 -4.75
CA HIS A 29 1.51 1.43 -5.10
C HIS A 29 0.24 2.28 -5.07
N THR A 30 -0.04 2.87 -3.91
CA THR A 30 -1.22 3.70 -3.74
C THR A 30 -1.28 4.80 -4.81
N LEU A 31 -0.14 5.06 -5.44
CA LEU A 31 -0.07 6.07 -6.48
C LEU A 31 -0.44 5.51 -7.85
N GLN A 32 0.09 4.33 -8.16
CA GLN A 32 -0.19 3.67 -9.42
C GLN A 32 -1.52 2.93 -9.36
N THR A 33 -1.60 1.93 -8.48
CA THR A 33 -2.82 1.14 -8.32
C THR A 33 -4.02 2.03 -8.05
N HIS A 34 -3.84 3.02 -7.18
CA HIS A 34 -4.91 3.95 -6.83
C HIS A 34 -4.57 5.37 -7.28
N SER A 35 -5.59 6.13 -7.66
CA SER A 35 -5.39 7.50 -8.11
C SER A 35 -4.32 7.57 -9.19
N ASP A 36 -4.42 6.66 -10.16
CA ASP A 36 -3.46 6.62 -11.26
C ASP A 36 -3.35 7.98 -11.94
N LYS A 37 -4.49 8.57 -12.26
CA LYS A 37 -4.53 9.88 -12.92
C LYS A 37 -3.86 9.82 -14.28
N SER A 38 -4.15 8.76 -15.03
CA SER A 38 -3.57 8.59 -16.36
C SER A 38 -3.92 9.76 -17.27
N GLY A 39 -3.30 9.81 -18.44
CA GLY A 39 -3.57 10.88 -19.38
C GLY A 39 -2.62 10.85 -20.57
N PRO A 40 -2.94 11.66 -21.60
CA PRO A 40 -2.13 11.74 -22.81
C PRO A 40 -0.78 12.41 -22.58
N SER A 41 0.01 12.53 -23.64
CA SER A 41 1.33 13.15 -23.53
C SER A 41 2.20 12.42 -22.50
N SER A 42 2.14 11.10 -22.53
CA SER A 42 2.91 10.28 -21.60
C SER A 42 4.42 10.44 -21.86
N GLY A 43 5.22 9.88 -20.96
CA GLY A 43 6.66 9.97 -21.10
C GLY A 43 7.10 9.87 -22.55
N GLY A 1 -7.73 -18.75 7.75
CA GLY A 1 -6.88 -17.61 7.47
C GLY A 1 -7.64 -16.30 7.44
N SER A 2 -7.58 -15.60 6.31
CA SER A 2 -8.26 -14.31 6.17
C SER A 2 -8.22 -13.53 7.47
N SER A 3 -7.07 -13.54 8.14
CA SER A 3 -6.92 -12.83 9.40
C SER A 3 -5.69 -11.93 9.37
N GLY A 4 -5.54 -11.10 10.40
CA GLY A 4 -4.40 -10.21 10.47
C GLY A 4 -3.14 -10.90 10.95
N SER A 5 -2.84 -12.05 10.37
CA SER A 5 -1.66 -12.83 10.75
C SER A 5 -0.86 -13.21 9.52
N SER A 6 -0.05 -12.26 9.03
CA SER A 6 0.78 -12.50 7.86
C SER A 6 2.25 -12.68 8.26
N GLY A 7 3.04 -13.22 7.33
CA GLY A 7 4.45 -13.44 7.61
C GLY A 7 5.10 -12.24 8.29
N ASN A 8 5.13 -11.12 7.59
CA ASN A 8 5.72 -9.90 8.13
C ASN A 8 4.67 -8.81 8.34
N GLY A 9 3.90 -8.53 7.29
CA GLY A 9 2.86 -7.52 7.38
C GLY A 9 3.39 -6.19 7.87
N ALA A 10 4.55 -5.80 7.35
CA ALA A 10 5.17 -4.54 7.75
C ALA A 10 4.23 -3.36 7.47
N PHE A 11 3.68 -3.31 6.26
CA PHE A 11 2.78 -2.24 5.88
C PHE A 11 1.57 -2.80 5.11
N PHE A 12 0.42 -2.16 5.28
CA PHE A 12 -0.80 -2.59 4.61
C PHE A 12 -1.48 -1.41 3.91
N CYS A 13 -1.77 -1.58 2.63
CA CYS A 13 -2.42 -0.53 1.85
C CYS A 13 -3.71 -0.08 2.52
N ASN A 14 -4.06 1.18 2.34
CA ASN A 14 -5.27 1.74 2.92
C ASN A 14 -6.49 1.44 2.04
N GLU A 15 -6.41 1.85 0.78
CA GLU A 15 -7.50 1.62 -0.16
C GLU A 15 -7.81 0.13 -0.29
N CYS A 16 -6.79 -0.66 -0.63
CA CYS A 16 -6.97 -2.10 -0.78
C CYS A 16 -6.22 -2.85 0.32
N ASP A 17 -6.35 -4.18 0.30
CA ASP A 17 -5.68 -5.01 1.30
C ASP A 17 -4.45 -5.68 0.70
N CYS A 18 -3.29 -5.05 0.85
CA CYS A 18 -2.04 -5.59 0.32
C CYS A 18 -0.97 -5.63 1.41
N ARG A 19 0.20 -6.12 1.05
CA ARG A 19 1.31 -6.22 1.98
C ARG A 19 2.63 -5.89 1.31
N PHE A 20 3.47 -5.11 2.00
CA PHE A 20 4.76 -4.72 1.47
C PHE A 20 5.84 -4.73 2.55
N SER A 21 7.10 -4.82 2.14
CA SER A 21 8.21 -4.84 3.07
C SER A 21 8.90 -3.48 3.15
N GLU A 22 8.16 -2.44 2.78
CA GLU A 22 8.69 -1.08 2.80
C GLU A 22 7.59 -0.06 2.53
N GLU A 23 7.61 1.04 3.28
CA GLU A 23 6.62 2.09 3.13
C GLU A 23 6.60 2.61 1.69
N ALA A 24 7.72 3.19 1.26
CA ALA A 24 7.83 3.73 -0.09
C ALA A 24 7.15 2.81 -1.10
N SER A 25 7.59 1.56 -1.16
CA SER A 25 7.04 0.60 -2.09
C SER A 25 5.52 0.72 -2.16
N LEU A 26 4.88 0.85 -1.00
CA LEU A 26 3.43 0.99 -0.93
C LEU A 26 2.98 2.34 -1.46
N LYS A 27 3.64 3.39 -0.99
CA LYS A 27 3.31 4.75 -1.42
C LYS A 27 3.09 4.81 -2.92
N ARG A 28 3.99 4.18 -3.68
CA ARG A 28 3.88 4.16 -5.13
C ARG A 28 2.71 3.29 -5.58
N HIS A 29 2.62 2.09 -5.01
CA HIS A 29 1.56 1.16 -5.35
C HIS A 29 0.20 1.84 -5.30
N THR A 30 -0.01 2.68 -4.28
CA THR A 30 -1.26 3.39 -4.13
C THR A 30 -1.47 4.40 -5.26
N LEU A 31 -0.40 5.11 -5.60
CA LEU A 31 -0.47 6.11 -6.67
C LEU A 31 -0.89 5.48 -7.98
N GLN A 32 -0.20 4.41 -8.37
CA GLN A 32 -0.49 3.71 -9.61
C GLN A 32 -1.82 2.96 -9.50
N THR A 33 -1.85 1.95 -8.63
CA THR A 33 -3.06 1.15 -8.44
C THR A 33 -4.25 2.03 -8.10
N HIS A 34 -4.07 2.94 -7.16
CA HIS A 34 -5.13 3.86 -6.75
C HIS A 34 -4.82 5.29 -7.18
N SER A 35 -4.99 5.57 -8.47
CA SER A 35 -4.72 6.90 -9.00
C SER A 35 -5.71 7.92 -8.44
N ASP A 36 -6.99 7.56 -8.43
CA ASP A 36 -8.03 8.44 -7.92
C ASP A 36 -8.17 8.29 -6.40
N LYS A 37 -7.52 9.19 -5.67
CA LYS A 37 -7.58 9.17 -4.22
C LYS A 37 -8.34 10.38 -3.68
N SER A 38 -8.66 10.33 -2.39
CA SER A 38 -9.38 11.43 -1.75
C SER A 38 -8.44 12.57 -1.40
N GLY A 39 -8.34 13.55 -2.29
CA GLY A 39 -7.46 14.69 -2.06
C GLY A 39 -6.56 14.98 -3.25
N PRO A 40 -6.15 16.25 -3.37
CA PRO A 40 -5.28 16.69 -4.47
C PRO A 40 -3.86 16.13 -4.34
N SER A 41 -3.26 16.28 -3.17
CA SER A 41 -1.91 15.79 -2.93
C SER A 41 -1.03 15.99 -4.16
N SER A 42 -1.16 17.15 -4.79
CA SER A 42 -0.39 17.45 -5.99
C SER A 42 1.11 17.45 -5.69
N GLY A 43 1.49 18.12 -4.60
CA GLY A 43 2.89 18.18 -4.23
C GLY A 43 3.40 19.59 -4.08
N GLY A 1 3.07 -27.67 15.01
CA GLY A 1 4.05 -27.19 14.05
C GLY A 1 4.86 -26.02 14.58
N SER A 2 6.18 -26.11 14.43
CA SER A 2 7.07 -25.05 14.91
C SER A 2 7.84 -24.42 13.74
N SER A 3 7.42 -23.23 13.34
CA SER A 3 8.05 -22.52 12.24
C SER A 3 8.45 -21.11 12.66
N GLY A 4 9.51 -20.59 12.04
CA GLY A 4 9.97 -19.25 12.35
C GLY A 4 10.68 -18.59 11.19
N SER A 5 9.95 -18.39 10.10
CA SER A 5 10.52 -17.76 8.91
C SER A 5 9.87 -16.42 8.63
N SER A 6 8.57 -16.44 8.37
CA SER A 6 7.82 -15.22 8.08
C SER A 6 7.97 -14.22 9.22
N GLY A 7 8.36 -12.99 8.87
CA GLY A 7 8.53 -11.96 9.87
C GLY A 7 9.01 -10.64 9.28
N ASN A 8 8.33 -10.20 8.22
CA ASN A 8 8.69 -8.95 7.56
C ASN A 8 7.56 -8.46 6.66
N GLY A 9 7.22 -7.18 6.77
CA GLY A 9 6.16 -6.62 5.96
C GLY A 9 4.94 -6.26 6.78
N ALA A 10 5.01 -5.16 7.52
CA ALA A 10 3.90 -4.72 8.35
C ALA A 10 3.24 -3.47 7.76
N PHE A 11 3.11 -3.45 6.44
CA PHE A 11 2.50 -2.31 5.75
C PHE A 11 1.32 -2.77 4.90
N PHE A 12 0.17 -2.11 5.08
CA PHE A 12 -1.03 -2.44 4.33
C PHE A 12 -1.64 -1.20 3.70
N CYS A 13 -2.16 -1.36 2.48
CA CYS A 13 -2.77 -0.25 1.76
C CYS A 13 -3.95 0.33 2.55
N ASN A 14 -4.36 1.54 2.19
CA ASN A 14 -5.47 2.20 2.86
C ASN A 14 -6.81 1.67 2.35
N GLU A 15 -7.02 1.76 1.05
CA GLU A 15 -8.25 1.28 0.43
C GLU A 15 -8.25 -0.25 0.32
N CYS A 16 -7.15 -0.80 -0.18
CA CYS A 16 -7.01 -2.23 -0.35
C CYS A 16 -6.16 -2.84 0.76
N ASP A 17 -5.91 -4.13 0.67
CA ASP A 17 -5.10 -4.83 1.67
C ASP A 17 -4.00 -5.65 1.00
N CYS A 18 -2.86 -5.00 0.75
CA CYS A 18 -1.73 -5.66 0.11
C CYS A 18 -0.51 -5.64 1.02
N ARG A 19 0.32 -6.67 0.92
CA ARG A 19 1.51 -6.78 1.74
C ARG A 19 2.70 -6.10 1.06
N PHE A 20 3.50 -5.38 1.84
CA PHE A 20 4.66 -4.68 1.31
C PHE A 20 5.85 -4.81 2.26
N SER A 21 7.04 -4.46 1.76
CA SER A 21 8.25 -4.55 2.56
C SER A 21 8.63 -3.18 3.12
N GLU A 22 8.52 -2.15 2.28
CA GLU A 22 8.85 -0.79 2.68
C GLU A 22 7.72 0.17 2.37
N GLU A 23 7.68 1.29 3.08
CA GLU A 23 6.63 2.28 2.89
C GLU A 23 6.66 2.81 1.45
N ALA A 24 7.85 2.94 0.90
CA ALA A 24 8.02 3.44 -0.47
C ALA A 24 7.17 2.64 -1.44
N SER A 25 7.29 1.32 -1.40
CA SER A 25 6.53 0.44 -2.27
C SER A 25 5.03 0.67 -2.10
N LEU A 26 4.59 0.74 -0.86
CA LEU A 26 3.17 0.94 -0.56
C LEU A 26 2.70 2.29 -1.10
N LYS A 27 3.49 3.33 -0.88
CA LYS A 27 3.16 4.66 -1.36
C LYS A 27 2.95 4.67 -2.88
N ARG A 28 3.95 4.17 -3.60
CA ARG A 28 3.88 4.11 -5.06
C ARG A 28 2.79 3.15 -5.51
N HIS A 29 2.47 2.18 -4.66
CA HIS A 29 1.45 1.19 -4.98
C HIS A 29 0.07 1.83 -5.04
N THR A 30 -0.15 2.84 -4.20
CA THR A 30 -1.43 3.54 -4.17
C THR A 30 -1.52 4.58 -5.27
N LEU A 31 -0.40 5.23 -5.56
CA LEU A 31 -0.35 6.25 -6.60
C LEU A 31 -0.36 5.61 -7.99
N GLN A 32 0.25 4.44 -8.10
CA GLN A 32 0.31 3.73 -9.38
C GLN A 32 -0.94 2.89 -9.58
N THR A 33 -1.18 1.93 -8.69
CA THR A 33 -2.33 1.06 -8.77
C THR A 33 -3.63 1.86 -8.62
N HIS A 34 -3.71 2.63 -7.54
CA HIS A 34 -4.90 3.43 -7.27
C HIS A 34 -4.68 4.89 -7.68
N SER A 35 -5.74 5.67 -7.67
CA SER A 35 -5.66 7.09 -8.04
C SER A 35 -5.33 7.95 -6.83
N ASP A 36 -4.17 8.59 -6.86
CA ASP A 36 -3.74 9.46 -5.77
C ASP A 36 -4.91 10.30 -5.25
N LYS A 37 -5.13 10.26 -3.94
CA LYS A 37 -6.20 11.02 -3.33
C LYS A 37 -5.75 12.43 -2.98
N SER A 38 -4.73 12.53 -2.13
CA SER A 38 -4.20 13.82 -1.71
C SER A 38 -2.90 14.14 -2.45
N GLY A 39 -2.82 15.36 -2.98
CA GLY A 39 -1.63 15.77 -3.70
C GLY A 39 -1.52 17.28 -3.82
N PRO A 40 -0.35 17.75 -4.29
CA PRO A 40 -0.10 19.18 -4.46
C PRO A 40 -0.90 19.79 -5.60
N SER A 41 -1.31 18.94 -6.54
CA SER A 41 -2.10 19.41 -7.68
C SER A 41 -3.53 18.89 -7.60
N SER A 42 -4.10 18.95 -6.39
CA SER A 42 -5.47 18.49 -6.18
C SER A 42 -6.45 19.31 -7.01
N GLY A 43 -6.46 20.62 -6.80
CA GLY A 43 -7.36 21.48 -7.54
C GLY A 43 -8.68 20.81 -7.85
N GLY A 1 13.47 -16.24 13.85
CA GLY A 1 14.85 -16.08 14.26
C GLY A 1 15.04 -14.95 15.26
N SER A 2 15.95 -15.15 16.20
CA SER A 2 16.23 -14.15 17.22
C SER A 2 17.16 -13.06 16.69
N SER A 3 16.92 -12.62 15.47
CA SER A 3 17.74 -11.60 14.85
C SER A 3 17.36 -10.21 15.35
N GLY A 4 18.11 -9.74 16.35
CA GLY A 4 17.83 -8.43 16.92
C GLY A 4 16.35 -8.14 17.04
N SER A 5 15.91 -7.04 16.42
CA SER A 5 14.50 -6.67 16.47
C SER A 5 14.06 -6.03 15.15
N SER A 6 12.93 -6.47 14.62
CA SER A 6 12.41 -5.95 13.37
C SER A 6 11.97 -4.49 13.53
N GLY A 7 11.16 -4.23 14.55
CA GLY A 7 10.67 -2.88 14.80
C GLY A 7 9.36 -2.61 14.11
N ASN A 8 9.40 -1.96 12.96
CA ASN A 8 8.21 -1.64 12.20
C ASN A 8 7.58 -2.90 11.61
N GLY A 9 6.37 -2.76 11.06
CA GLY A 9 5.68 -3.89 10.47
C GLY A 9 5.67 -3.83 8.96
N ALA A 10 4.65 -4.42 8.35
CA ALA A 10 4.52 -4.42 6.90
C ALA A 10 3.41 -3.48 6.43
N PHE A 11 3.80 -2.27 6.05
CA PHE A 11 2.85 -1.28 5.59
C PHE A 11 1.70 -1.93 4.83
N PHE A 12 0.51 -1.88 5.42
CA PHE A 12 -0.67 -2.47 4.79
C PHE A 12 -1.55 -1.40 4.17
N CYS A 13 -1.83 -1.55 2.88
CA CYS A 13 -2.66 -0.60 2.16
C CYS A 13 -4.11 -0.67 2.62
N ASN A 14 -4.73 0.49 2.80
CA ASN A 14 -6.12 0.57 3.25
C ASN A 14 -7.07 0.43 2.07
N GLU A 15 -6.83 1.21 1.03
CA GLU A 15 -7.68 1.17 -0.16
C GLU A 15 -7.98 -0.27 -0.56
N CYS A 16 -6.97 -1.12 -0.50
CA CYS A 16 -7.13 -2.53 -0.87
C CYS A 16 -6.48 -3.43 0.18
N ASP A 17 -6.69 -4.73 0.04
CA ASP A 17 -6.12 -5.70 0.97
C ASP A 17 -4.77 -6.21 0.47
N CYS A 18 -3.72 -5.43 0.71
CA CYS A 18 -2.37 -5.79 0.29
C CYS A 18 -1.34 -5.33 1.31
N ARG A 19 -0.30 -6.13 1.51
CA ARG A 19 0.76 -5.80 2.45
C ARG A 19 2.05 -5.48 1.72
N PHE A 20 2.91 -4.70 2.37
CA PHE A 20 4.19 -4.32 1.77
C PHE A 20 5.27 -4.18 2.86
N SER A 21 6.50 -4.53 2.49
CA SER A 21 7.61 -4.46 3.43
C SER A 21 8.57 -3.33 3.05
N GLU A 22 8.00 -2.23 2.57
CA GLU A 22 8.80 -1.07 2.18
C GLU A 22 7.91 0.13 1.86
N GLU A 23 8.09 1.20 2.63
CA GLU A 23 7.30 2.41 2.44
C GLU A 23 7.20 2.78 0.97
N ALA A 24 8.35 2.88 0.31
CA ALA A 24 8.39 3.22 -1.11
C ALA A 24 7.38 2.39 -1.90
N SER A 25 7.41 1.08 -1.68
CA SER A 25 6.50 0.18 -2.38
C SER A 25 5.05 0.58 -2.15
N LEU A 26 4.70 0.84 -0.89
CA LEU A 26 3.34 1.24 -0.54
C LEU A 26 2.98 2.58 -1.19
N LYS A 27 3.77 3.60 -0.89
CA LYS A 27 3.54 4.94 -1.44
C LYS A 27 3.39 4.87 -2.96
N ARG A 28 4.34 4.21 -3.61
CA ARG A 28 4.30 4.08 -5.07
C ARG A 28 3.05 3.35 -5.52
N HIS A 29 2.75 2.24 -4.86
CA HIS A 29 1.56 1.45 -5.20
C HIS A 29 0.29 2.29 -5.09
N THR A 30 0.14 2.98 -3.97
CA THR A 30 -1.03 3.82 -3.73
C THR A 30 -1.15 4.90 -4.81
N LEU A 31 -0.01 5.28 -5.38
CA LEU A 31 0.01 6.30 -6.42
C LEU A 31 -0.31 5.71 -7.79
N GLN A 32 0.27 4.54 -8.07
CA GLN A 32 0.03 3.86 -9.34
C GLN A 32 -1.25 3.04 -9.29
N THR A 33 -1.31 2.09 -8.37
CA THR A 33 -2.48 1.23 -8.23
C THR A 33 -3.75 2.07 -8.03
N HIS A 34 -3.67 3.04 -7.14
CA HIS A 34 -4.81 3.92 -6.87
C HIS A 34 -4.56 5.32 -7.39
N SER A 35 -5.54 5.86 -8.11
CA SER A 35 -5.42 7.20 -8.68
C SER A 35 -6.77 7.91 -8.68
N ASP A 36 -6.78 9.15 -9.17
CA ASP A 36 -8.01 9.93 -9.23
C ASP A 36 -7.81 11.19 -10.08
N LYS A 37 -8.71 11.41 -11.02
CA LYS A 37 -8.64 12.57 -11.90
C LYS A 37 -9.47 13.73 -11.34
N SER A 38 -10.63 13.40 -10.78
CA SER A 38 -11.51 14.40 -10.22
C SER A 38 -12.46 13.79 -9.18
N GLY A 39 -12.27 14.17 -7.93
CA GLY A 39 -13.10 13.64 -6.86
C GLY A 39 -12.34 13.44 -5.56
N PRO A 40 -12.15 14.54 -4.81
CA PRO A 40 -11.43 14.50 -3.53
C PRO A 40 -12.20 13.77 -2.46
N SER A 41 -13.48 14.11 -2.33
CA SER A 41 -14.33 13.48 -1.31
C SER A 41 -14.15 11.97 -1.30
N SER A 42 -13.91 11.41 -0.13
CA SER A 42 -13.71 9.97 0.02
C SER A 42 -14.52 9.42 1.19
N GLY A 43 -14.31 10.00 2.37
CA GLY A 43 -15.03 9.56 3.54
C GLY A 43 -14.67 8.14 3.95
N GLY A 1 9.00 -12.69 1.69
CA GLY A 1 9.10 -14.14 1.79
C GLY A 1 7.79 -14.83 1.47
N SER A 2 7.84 -15.82 0.59
CA SER A 2 6.64 -16.56 0.21
C SER A 2 6.39 -17.72 1.16
N SER A 3 7.45 -18.46 1.49
CA SER A 3 7.34 -19.60 2.39
C SER A 3 7.12 -19.13 3.82
N GLY A 4 6.15 -19.74 4.50
CA GLY A 4 5.86 -19.38 5.87
C GLY A 4 5.40 -17.94 6.01
N SER A 5 5.14 -17.52 7.24
CA SER A 5 4.68 -16.16 7.49
C SER A 5 5.74 -15.37 8.26
N SER A 6 6.74 -14.87 7.55
CA SER A 6 7.81 -14.09 8.16
C SER A 6 7.90 -12.69 7.55
N GLY A 7 7.75 -11.69 8.39
CA GLY A 7 7.82 -10.31 7.92
C GLY A 7 6.50 -9.58 8.09
N ASN A 8 6.05 -9.47 9.34
CA ASN A 8 4.79 -8.79 9.65
C ASN A 8 5.00 -7.29 9.73
N GLY A 9 4.86 -6.61 8.59
CA GLY A 9 5.04 -5.17 8.56
C GLY A 9 3.74 -4.42 8.68
N ALA A 10 3.82 -3.13 8.99
CA ALA A 10 2.63 -2.30 9.13
C ALA A 10 2.48 -1.33 7.96
N PHE A 11 2.79 -1.81 6.76
CA PHE A 11 2.70 -0.98 5.56
C PHE A 11 1.67 -1.55 4.59
N PHE A 12 0.50 -1.89 5.10
CA PHE A 12 -0.57 -2.45 4.28
C PHE A 12 -1.52 -1.35 3.81
N CYS A 13 -1.88 -1.39 2.53
CA CYS A 13 -2.78 -0.40 1.96
C CYS A 13 -4.07 -0.31 2.76
N ASN A 14 -4.78 0.80 2.62
CA ASN A 14 -6.03 1.01 3.33
C ASN A 14 -7.23 0.72 2.43
N GLU A 15 -7.32 1.46 1.32
CA GLU A 15 -8.41 1.28 0.37
C GLU A 15 -8.45 -0.16 -0.16
N CYS A 16 -7.34 -0.87 0.01
CA CYS A 16 -7.24 -2.25 -0.45
C CYS A 16 -6.31 -3.05 0.45
N ASP A 17 -6.19 -4.35 0.17
CA ASP A 17 -5.35 -5.23 0.95
C ASP A 17 -4.08 -5.58 0.18
N CYS A 18 -2.99 -4.88 0.48
CA CYS A 18 -1.72 -5.11 -0.18
C CYS A 18 -0.55 -4.84 0.76
N ARG A 19 0.16 -5.88 1.15
CA ARG A 19 1.30 -5.75 2.05
C ARG A 19 2.57 -5.40 1.29
N PHE A 20 3.49 -4.73 1.96
CA PHE A 20 4.75 -4.33 1.34
C PHE A 20 5.87 -4.28 2.36
N SER A 21 6.97 -4.98 2.07
CA SER A 21 8.11 -5.03 2.97
C SER A 21 8.65 -3.62 3.24
N GLU A 22 8.80 -2.83 2.18
CA GLU A 22 9.30 -1.48 2.30
C GLU A 22 8.16 -0.47 2.27
N GLU A 23 8.28 0.59 3.06
CA GLU A 23 7.26 1.62 3.13
C GLU A 23 7.09 2.30 1.77
N ALA A 24 8.20 2.62 1.13
CA ALA A 24 8.18 3.27 -0.17
C ALA A 24 7.22 2.56 -1.12
N SER A 25 7.44 1.26 -1.31
CA SER A 25 6.60 0.47 -2.20
C SER A 25 5.12 0.79 -1.98
N LEU A 26 4.67 0.64 -0.74
CA LEU A 26 3.28 0.92 -0.40
C LEU A 26 2.79 2.19 -1.08
N LYS A 27 3.39 3.32 -0.73
CA LYS A 27 3.03 4.60 -1.31
C LYS A 27 2.88 4.50 -2.82
N ARG A 28 3.98 4.12 -3.49
CA ARG A 28 3.98 3.98 -4.94
C ARG A 28 2.73 3.22 -5.41
N HIS A 29 2.55 2.03 -4.88
CA HIS A 29 1.41 1.20 -5.24
C HIS A 29 0.12 2.02 -5.27
N THR A 30 -0.09 2.82 -4.23
CA THR A 30 -1.28 3.66 -4.13
C THR A 30 -1.34 4.65 -5.29
N LEU A 31 -0.18 5.18 -5.67
CA LEU A 31 -0.12 6.14 -6.77
C LEU A 31 -0.34 5.45 -8.11
N GLN A 32 0.19 4.24 -8.24
CA GLN A 32 0.05 3.47 -9.48
C GLN A 32 -1.34 2.85 -9.57
N THR A 33 -1.63 1.92 -8.67
CA THR A 33 -2.92 1.24 -8.66
C THR A 33 -4.05 2.23 -8.41
N HIS A 34 -3.93 3.02 -7.34
CA HIS A 34 -4.94 4.00 -7.00
C HIS A 34 -4.51 5.40 -7.43
N SER A 35 -5.31 6.40 -7.09
CA SER A 35 -5.02 7.78 -7.45
C SER A 35 -5.92 8.75 -6.68
N ASP A 36 -5.37 9.89 -6.30
CA ASP A 36 -6.12 10.90 -5.56
C ASP A 36 -5.79 12.30 -6.08
N LYS A 37 -6.84 13.09 -6.34
CA LYS A 37 -6.67 14.45 -6.82
C LYS A 37 -5.87 15.29 -5.84
N SER A 38 -6.31 15.29 -4.58
CA SER A 38 -5.64 16.05 -3.53
C SER A 38 -4.12 16.04 -3.75
N GLY A 39 -3.45 17.06 -3.22
CA GLY A 39 -2.01 17.16 -3.36
C GLY A 39 -1.52 16.60 -4.68
N PRO A 40 -1.08 15.35 -4.67
CA PRO A 40 -0.57 14.67 -5.87
C PRO A 40 -1.67 14.39 -6.88
N SER A 41 -1.81 15.27 -7.88
CA SER A 41 -2.82 15.11 -8.90
C SER A 41 -2.26 14.40 -10.13
N SER A 42 -1.49 13.34 -9.88
CA SER A 42 -0.89 12.58 -10.97
C SER A 42 -1.91 11.66 -11.64
N GLY A 43 -2.43 10.70 -10.86
CA GLY A 43 -3.41 9.79 -11.40
C GLY A 43 -3.15 9.43 -12.85
N GLY A 1 -14.85 -15.94 7.57
CA GLY A 1 -15.60 -15.22 8.60
C GLY A 1 -15.04 -15.44 9.99
N SER A 2 -13.83 -14.92 10.22
CA SER A 2 -13.19 -15.07 11.51
C SER A 2 -12.40 -13.81 11.88
N SER A 3 -12.63 -13.30 13.08
CA SER A 3 -11.95 -12.11 13.55
C SER A 3 -11.01 -12.42 14.71
N GLY A 4 -9.87 -11.73 14.76
CA GLY A 4 -8.92 -11.95 15.83
C GLY A 4 -7.48 -11.96 15.32
N SER A 5 -6.54 -11.70 16.23
CA SER A 5 -5.13 -11.67 15.86
C SER A 5 -4.91 -10.84 14.60
N SER A 6 -5.59 -9.69 14.53
CA SER A 6 -5.47 -8.80 13.38
C SER A 6 -4.02 -8.42 13.14
N GLY A 7 -3.74 -7.86 11.96
CA GLY A 7 -2.39 -7.45 11.63
C GLY A 7 -1.64 -8.52 10.85
N ASN A 8 -1.13 -8.15 9.68
CA ASN A 8 -0.38 -9.09 8.85
C ASN A 8 0.97 -8.51 8.46
N GLY A 9 0.98 -7.25 8.04
CA GLY A 9 2.22 -6.60 7.66
C GLY A 9 2.40 -5.25 8.32
N ALA A 10 3.43 -4.52 7.91
CA ALA A 10 3.72 -3.21 8.47
C ALA A 10 3.06 -2.10 7.65
N PHE A 11 3.28 -2.14 6.35
CA PHE A 11 2.71 -1.14 5.45
C PHE A 11 1.61 -1.75 4.59
N PHE A 12 0.40 -1.76 5.11
CA PHE A 12 -0.75 -2.31 4.39
C PHE A 12 -1.62 -1.20 3.82
N CYS A 13 -1.90 -1.28 2.52
CA CYS A 13 -2.72 -0.28 1.84
C CYS A 13 -4.11 -0.21 2.48
N ASN A 14 -4.63 1.01 2.58
CA ASN A 14 -5.95 1.21 3.17
C ASN A 14 -7.05 0.97 2.14
N GLU A 15 -6.89 1.56 0.96
CA GLU A 15 -7.87 1.41 -0.11
C GLU A 15 -8.14 -0.07 -0.39
N CYS A 16 -7.07 -0.84 -0.57
CA CYS A 16 -7.18 -2.27 -0.84
C CYS A 16 -6.33 -3.08 0.13
N ASP A 17 -6.43 -4.40 0.03
CA ASP A 17 -5.66 -5.29 0.89
C ASP A 17 -4.35 -5.70 0.23
N CYS A 18 -3.25 -5.21 0.76
CA CYS A 18 -1.93 -5.53 0.22
C CYS A 18 -0.84 -5.34 1.28
N ARG A 19 0.25 -6.09 1.13
CA ARG A 19 1.36 -6.01 2.07
C ARG A 19 2.68 -5.82 1.34
N PHE A 20 3.55 -4.98 1.90
CA PHE A 20 4.84 -4.71 1.30
C PHE A 20 5.96 -4.79 2.35
N SER A 21 7.20 -4.80 1.88
CA SER A 21 8.35 -4.87 2.78
C SER A 21 8.74 -3.48 3.27
N GLU A 22 8.83 -2.54 2.34
CA GLU A 22 9.20 -1.17 2.68
C GLU A 22 8.09 -0.19 2.32
N GLU A 23 7.96 0.89 3.08
CA GLU A 23 6.94 1.89 2.85
C GLU A 23 6.97 2.36 1.39
N ALA A 24 8.16 2.70 0.91
CA ALA A 24 8.32 3.16 -0.47
C ALA A 24 7.41 2.39 -1.42
N SER A 25 7.43 1.06 -1.30
CA SER A 25 6.61 0.21 -2.15
C SER A 25 5.14 0.62 -2.08
N LEU A 26 4.62 0.71 -0.85
CA LEU A 26 3.23 1.10 -0.65
C LEU A 26 2.95 2.48 -1.23
N LYS A 27 3.65 3.49 -0.71
CA LYS A 27 3.49 4.86 -1.18
C LYS A 27 3.17 4.89 -2.67
N ARG A 28 4.04 4.26 -3.47
CA ARG A 28 3.86 4.21 -4.91
C ARG A 28 2.60 3.44 -5.27
N HIS A 29 2.49 2.21 -4.77
CA HIS A 29 1.33 1.37 -5.05
C HIS A 29 0.04 2.18 -4.98
N THR A 30 -0.07 3.04 -3.98
CA THR A 30 -1.24 3.88 -3.80
C THR A 30 -1.46 4.78 -5.01
N LEU A 31 -0.36 5.29 -5.57
CA LEU A 31 -0.44 6.16 -6.73
C LEU A 31 -0.68 5.37 -8.00
N GLN A 32 0.02 4.26 -8.15
CA GLN A 32 -0.13 3.40 -9.32
C GLN A 32 -1.43 2.61 -9.25
N THR A 33 -1.54 1.74 -8.24
CA THR A 33 -2.72 0.91 -8.07
C THR A 33 -3.98 1.77 -8.05
N HIS A 34 -3.96 2.84 -7.26
CA HIS A 34 -5.10 3.73 -7.16
C HIS A 34 -4.75 5.12 -7.68
N SER A 35 -4.78 5.29 -9.00
CA SER A 35 -4.46 6.56 -9.62
C SER A 35 -5.29 7.69 -9.02
N ASP A 36 -4.63 8.76 -8.61
CA ASP A 36 -5.31 9.90 -8.02
C ASP A 36 -6.46 10.37 -8.92
N LYS A 37 -7.55 10.79 -8.30
CA LYS A 37 -8.72 11.27 -9.03
C LYS A 37 -8.53 12.72 -9.46
N SER A 38 -8.46 13.62 -8.47
CA SER A 38 -8.30 15.04 -8.75
C SER A 38 -7.16 15.27 -9.74
N GLY A 39 -7.16 16.44 -10.38
CA GLY A 39 -6.12 16.76 -11.34
C GLY A 39 -6.54 16.45 -12.77
N PRO A 40 -7.27 17.38 -13.39
CA PRO A 40 -7.75 17.24 -14.76
C PRO A 40 -6.62 17.30 -15.78
N SER A 41 -6.49 16.26 -16.59
CA SER A 41 -5.44 16.20 -17.61
C SER A 41 -4.08 15.98 -16.97
N SER A 42 -4.06 15.27 -15.85
CA SER A 42 -2.82 14.98 -15.13
C SER A 42 -2.10 13.79 -15.75
N GLY A 43 -2.80 12.66 -15.86
CA GLY A 43 -2.22 11.47 -16.44
C GLY A 43 -1.08 10.92 -15.60
N GLY A 1 -3.84 -24.08 15.85
CA GLY A 1 -2.64 -23.58 15.20
C GLY A 1 -1.39 -24.33 15.64
N SER A 2 -0.94 -25.26 14.80
CA SER A 2 0.25 -26.04 15.11
C SER A 2 1.51 -25.22 14.92
N SER A 3 1.97 -24.58 16.00
CA SER A 3 3.17 -23.75 15.94
C SER A 3 3.08 -22.74 14.81
N GLY A 4 1.91 -22.13 14.64
CA GLY A 4 1.70 -21.15 13.60
C GLY A 4 2.24 -19.78 13.97
N SER A 5 2.61 -19.00 12.96
CA SER A 5 3.15 -17.67 13.19
C SER A 5 2.08 -16.60 12.96
N SER A 6 2.40 -15.36 13.33
CA SER A 6 1.47 -14.25 13.17
C SER A 6 2.20 -12.98 12.75
N GLY A 7 1.78 -12.41 11.63
CA GLY A 7 2.41 -11.20 11.14
C GLY A 7 2.77 -11.28 9.67
N ASN A 8 1.77 -11.19 8.80
CA ASN A 8 1.98 -11.26 7.36
C ASN A 8 2.94 -10.16 6.90
N GLY A 9 2.63 -8.93 7.30
CA GLY A 9 3.46 -7.80 6.92
C GLY A 9 3.42 -6.67 7.92
N ALA A 10 4.16 -5.60 7.65
CA ALA A 10 4.20 -4.45 8.54
C ALA A 10 3.32 -3.33 8.02
N PHE A 11 3.55 -2.93 6.78
CA PHE A 11 2.78 -1.85 6.16
C PHE A 11 1.71 -2.42 5.23
N PHE A 12 0.49 -1.91 5.35
CA PHE A 12 -0.63 -2.36 4.53
C PHE A 12 -1.37 -1.17 3.92
N CYS A 13 -1.94 -1.39 2.75
CA CYS A 13 -2.69 -0.34 2.06
C CYS A 13 -4.07 -0.14 2.69
N ASN A 14 -4.45 1.11 2.89
CA ASN A 14 -5.74 1.43 3.49
C ASN A 14 -6.87 1.19 2.50
N GLU A 15 -6.69 1.70 1.28
CA GLU A 15 -7.70 1.53 0.24
C GLU A 15 -8.00 0.06 -0.01
N CYS A 16 -7.03 -0.66 -0.56
CA CYS A 16 -7.19 -2.08 -0.84
C CYS A 16 -6.39 -2.92 0.15
N ASP A 17 -6.43 -4.24 -0.03
CA ASP A 17 -5.71 -5.16 0.84
C ASP A 17 -4.48 -5.73 0.14
N CYS A 18 -3.30 -5.40 0.66
CA CYS A 18 -2.05 -5.87 0.09
C CYS A 18 -0.92 -5.80 1.12
N ARG A 19 0.22 -6.38 0.77
CA ARG A 19 1.38 -6.39 1.67
C ARG A 19 2.54 -5.60 1.06
N PHE A 20 3.47 -5.20 1.91
CA PHE A 20 4.63 -4.43 1.46
C PHE A 20 5.82 -4.64 2.39
N SER A 21 6.99 -4.17 1.98
CA SER A 21 8.20 -4.31 2.79
C SER A 21 8.69 -2.95 3.26
N GLU A 22 8.72 -1.98 2.35
CA GLU A 22 9.18 -0.64 2.68
C GLU A 22 8.06 0.38 2.46
N GLU A 23 7.87 1.27 3.44
CA GLU A 23 6.84 2.29 3.35
C GLU A 23 6.73 2.83 1.92
N ALA A 24 7.87 3.09 1.30
CA ALA A 24 7.89 3.61 -0.06
C ALA A 24 7.12 2.70 -1.00
N SER A 25 7.47 1.42 -1.01
CA SER A 25 6.81 0.45 -1.88
C SER A 25 5.30 0.66 -1.87
N LEU A 26 4.75 0.84 -0.67
CA LEU A 26 3.31 1.04 -0.51
C LEU A 26 2.84 2.24 -1.33
N LYS A 27 3.61 3.33 -1.28
CA LYS A 27 3.28 4.54 -2.02
C LYS A 27 3.21 4.27 -3.51
N ARG A 28 4.30 3.75 -4.06
CA ARG A 28 4.37 3.43 -5.49
C ARG A 28 3.12 2.68 -5.94
N HIS A 29 2.59 1.85 -5.04
CA HIS A 29 1.38 1.07 -5.35
C HIS A 29 0.16 1.96 -5.42
N THR A 30 -0.23 2.53 -4.28
CA THR A 30 -1.40 3.40 -4.22
C THR A 30 -1.36 4.44 -5.33
N LEU A 31 -0.21 5.07 -5.51
CA LEU A 31 -0.04 6.10 -6.54
C LEU A 31 -0.35 5.53 -7.92
N GLN A 32 0.02 4.27 -8.14
CA GLN A 32 -0.23 3.61 -9.42
C GLN A 32 -1.68 3.14 -9.52
N THR A 33 -2.04 2.19 -8.67
CA THR A 33 -3.40 1.65 -8.68
C THR A 33 -4.40 2.69 -8.17
N HIS A 34 -4.10 3.28 -7.02
CA HIS A 34 -4.97 4.29 -6.43
C HIS A 34 -4.54 5.69 -6.85
N SER A 35 -4.75 6.00 -8.13
CA SER A 35 -4.38 7.31 -8.66
C SER A 35 -5.45 8.35 -8.32
N ASP A 36 -5.83 8.40 -7.06
CA ASP A 36 -6.84 9.35 -6.60
C ASP A 36 -6.21 10.45 -5.75
N LYS A 37 -6.87 11.60 -5.68
CA LYS A 37 -6.39 12.72 -4.89
C LYS A 37 -5.67 12.24 -3.64
N SER A 38 -4.62 12.96 -3.24
CA SER A 38 -3.84 12.60 -2.06
C SER A 38 -3.68 13.79 -1.13
N GLY A 39 -3.36 13.52 0.13
CA GLY A 39 -3.18 14.59 1.10
C GLY A 39 -4.47 14.97 1.79
N PRO A 40 -4.37 15.35 3.07
CA PRO A 40 -5.54 15.74 3.87
C PRO A 40 -6.14 17.07 3.42
N SER A 41 -5.27 17.98 2.97
CA SER A 41 -5.71 19.29 2.51
C SER A 41 -5.71 19.36 0.99
N SER A 42 -4.65 18.85 0.38
CA SER A 42 -4.52 18.85 -1.08
C SER A 42 -5.36 17.74 -1.70
N GLY A 43 -5.42 17.72 -3.02
CA GLY A 43 -6.19 16.71 -3.72
C GLY A 43 -6.83 17.24 -4.99
N GLY A 1 -8.78 -3.99 13.37
CA GLY A 1 -8.55 -5.35 13.81
C GLY A 1 -7.10 -5.63 14.14
N SER A 2 -6.61 -5.00 15.21
CA SER A 2 -5.23 -5.16 15.64
C SER A 2 -5.09 -6.36 16.56
N SER A 3 -4.84 -7.53 15.99
CA SER A 3 -4.69 -8.76 16.76
C SER A 3 -3.21 -9.08 16.98
N GLY A 4 -2.45 -9.12 15.90
CA GLY A 4 -1.03 -9.42 15.99
C GLY A 4 -0.23 -8.23 16.48
N SER A 5 1.07 -8.44 16.70
CA SER A 5 1.95 -7.40 17.17
C SER A 5 2.86 -6.89 16.04
N SER A 6 3.49 -7.83 15.34
CA SER A 6 4.38 -7.49 14.24
C SER A 6 4.54 -8.67 13.29
N GLY A 7 4.90 -8.38 12.04
CA GLY A 7 5.08 -9.42 11.05
C GLY A 7 5.95 -8.97 9.89
N ASN A 8 5.77 -9.62 8.74
CA ASN A 8 6.55 -9.28 7.55
C ASN A 8 5.99 -8.05 6.86
N GLY A 9 4.67 -8.03 6.68
CA GLY A 9 4.03 -6.91 6.03
C GLY A 9 3.59 -5.84 7.00
N ALA A 10 4.48 -4.88 7.27
CA ALA A 10 4.18 -3.80 8.20
C ALA A 10 3.29 -2.75 7.54
N PHE A 11 3.68 -2.31 6.35
CA PHE A 11 2.92 -1.30 5.62
C PHE A 11 1.86 -1.96 4.73
N PHE A 12 0.60 -1.75 5.07
CA PHE A 12 -0.51 -2.32 4.30
C PHE A 12 -1.37 -1.22 3.69
N CYS A 13 -1.89 -1.48 2.50
CA CYS A 13 -2.73 -0.51 1.81
C CYS A 13 -4.08 -0.37 2.51
N ASN A 14 -4.58 0.86 2.59
CA ASN A 14 -5.86 1.13 3.23
C ASN A 14 -7.01 0.92 2.25
N GLU A 15 -6.93 1.56 1.10
CA GLU A 15 -7.97 1.43 0.07
C GLU A 15 -8.19 -0.03 -0.29
N CYS A 16 -7.12 -0.73 -0.61
CA CYS A 16 -7.20 -2.14 -0.97
C CYS A 16 -6.42 -3.01 0.00
N ASP A 17 -6.50 -4.32 -0.18
CA ASP A 17 -5.79 -5.26 0.69
C ASP A 17 -4.46 -5.68 0.08
N CYS A 18 -3.37 -5.37 0.79
CA CYS A 18 -2.04 -5.70 0.31
C CYS A 18 -1.01 -5.53 1.42
N ARG A 19 0.20 -6.03 1.18
CA ARG A 19 1.27 -5.92 2.17
C ARG A 19 2.61 -5.64 1.48
N PHE A 20 3.42 -4.79 2.11
CA PHE A 20 4.72 -4.42 1.57
C PHE A 20 5.78 -4.41 2.66
N SER A 21 7.02 -4.69 2.28
CA SER A 21 8.13 -4.71 3.22
C SER A 21 8.65 -3.30 3.48
N GLU A 22 8.84 -2.54 2.41
CA GLU A 22 9.34 -1.18 2.52
C GLU A 22 8.19 -0.18 2.65
N GLU A 23 8.51 1.07 2.92
CA GLU A 23 7.51 2.11 3.08
C GLU A 23 7.15 2.72 1.72
N ALA A 24 8.09 2.64 0.78
CA ALA A 24 7.87 3.18 -0.56
C ALA A 24 6.91 2.30 -1.35
N SER A 25 7.21 1.01 -1.42
CA SER A 25 6.38 0.07 -2.15
C SER A 25 4.90 0.33 -1.89
N LEU A 26 4.60 0.90 -0.73
CA LEU A 26 3.22 1.22 -0.36
C LEU A 26 2.74 2.48 -1.06
N LYS A 27 3.41 3.59 -0.80
CA LYS A 27 3.05 4.86 -1.42
C LYS A 27 2.98 4.73 -2.94
N ARG A 28 4.03 4.18 -3.53
CA ARG A 28 4.08 3.99 -4.97
C ARG A 28 2.89 3.18 -5.47
N HIS A 29 2.63 2.05 -4.80
CA HIS A 29 1.52 1.19 -5.17
C HIS A 29 0.20 1.96 -5.17
N THR A 30 -0.02 2.75 -4.12
CA THR A 30 -1.24 3.54 -4.01
C THR A 30 -1.37 4.52 -5.17
N LEU A 31 -0.27 5.22 -5.48
CA LEU A 31 -0.27 6.19 -6.56
C LEU A 31 -0.65 5.53 -7.88
N GLN A 32 0.05 4.45 -8.23
CA GLN A 32 -0.21 3.74 -9.47
C GLN A 32 -1.53 2.97 -9.38
N THR A 33 -1.58 1.99 -8.47
CA THR A 33 -2.78 1.18 -8.28
C THR A 33 -4.01 2.06 -8.08
N HIS A 34 -3.91 3.00 -7.14
CA HIS A 34 -5.03 3.90 -6.85
C HIS A 34 -4.66 5.34 -7.23
N SER A 35 -4.73 5.64 -8.51
CA SER A 35 -4.41 6.99 -9.00
C SER A 35 -5.58 7.93 -8.81
N ASP A 36 -5.42 8.91 -7.93
CA ASP A 36 -6.47 9.88 -7.66
C ASP A 36 -7.20 10.26 -8.94
N LYS A 37 -8.46 10.66 -8.81
CA LYS A 37 -9.28 11.04 -9.95
C LYS A 37 -9.29 12.55 -10.12
N SER A 38 -8.13 13.18 -9.92
CA SER A 38 -8.02 14.63 -10.05
C SER A 38 -8.36 15.08 -11.47
N GLY A 39 -9.06 16.21 -11.57
CA GLY A 39 -9.43 16.73 -12.87
C GLY A 39 -10.52 17.78 -12.78
N PRO A 40 -10.49 18.75 -13.71
CA PRO A 40 -11.48 19.84 -13.75
C PRO A 40 -12.86 19.35 -14.16
N SER A 41 -12.98 18.04 -14.39
CA SER A 41 -14.26 17.45 -14.79
C SER A 41 -15.08 17.07 -13.57
N SER A 42 -14.53 16.17 -12.75
CA SER A 42 -15.21 15.71 -11.55
C SER A 42 -16.00 16.85 -10.90
N GLY A 43 -15.36 18.01 -10.79
CA GLY A 43 -16.01 19.17 -10.19
C GLY A 43 -15.85 20.43 -11.02
N GLY A 1 5.79 -20.03 13.37
CA GLY A 1 5.10 -19.84 14.63
C GLY A 1 3.60 -19.66 14.45
N SER A 2 3.07 -18.57 15.00
CA SER A 2 1.64 -18.28 14.91
C SER A 2 1.22 -18.14 13.44
N SER A 3 0.23 -18.93 13.05
CA SER A 3 -0.28 -18.89 11.67
C SER A 3 -0.44 -17.44 11.20
N GLY A 4 -0.57 -17.28 9.88
CA GLY A 4 -0.74 -15.95 9.32
C GLY A 4 0.50 -15.49 8.57
N SER A 5 0.28 -14.65 7.55
CA SER A 5 1.38 -14.14 6.74
C SER A 5 2.49 -13.58 7.62
N SER A 6 3.73 -13.99 7.34
CA SER A 6 4.88 -13.54 8.12
C SER A 6 5.22 -12.09 7.77
N GLY A 7 6.12 -11.51 8.55
CA GLY A 7 6.52 -10.13 8.32
C GLY A 7 6.80 -9.85 6.86
N ASN A 8 8.07 -9.96 6.47
CA ASN A 8 8.46 -9.71 5.09
C ASN A 8 7.77 -8.47 4.53
N GLY A 9 7.68 -7.42 5.36
CA GLY A 9 7.04 -6.19 4.94
C GLY A 9 5.54 -6.33 4.85
N ALA A 10 4.84 -5.86 5.88
CA ALA A 10 3.38 -5.93 5.92
C ALA A 10 2.77 -4.57 6.20
N PHE A 11 2.41 -3.86 5.14
CA PHE A 11 1.82 -2.53 5.27
C PHE A 11 0.42 -2.49 4.67
N PHE A 12 -0.55 -2.02 5.45
CA PHE A 12 -1.93 -1.94 5.00
C PHE A 12 -2.11 -0.78 4.02
N CYS A 13 -2.58 -1.11 2.82
CA CYS A 13 -2.79 -0.09 1.79
C CYS A 13 -3.89 0.88 2.21
N ASN A 14 -3.94 2.03 1.54
CA ASN A 14 -4.94 3.05 1.84
C ASN A 14 -6.30 2.42 2.08
N GLU A 15 -6.76 1.61 1.12
CA GLU A 15 -8.04 0.94 1.22
C GLU A 15 -7.88 -0.58 1.18
N CYS A 16 -7.29 -1.08 0.10
CA CYS A 16 -7.07 -2.50 -0.07
C CYS A 16 -6.06 -3.02 0.95
N ASP A 17 -5.74 -4.30 0.85
CA ASP A 17 -4.77 -4.92 1.76
C ASP A 17 -3.70 -5.69 0.99
N CYS A 18 -2.62 -4.99 0.66
CA CYS A 18 -1.52 -5.59 -0.09
C CYS A 18 -0.24 -5.59 0.74
N ARG A 19 0.66 -6.53 0.44
CA ARG A 19 1.92 -6.64 1.15
C ARG A 19 3.02 -5.86 0.43
N PHE A 20 3.77 -5.05 1.19
CA PHE A 20 4.85 -4.26 0.63
C PHE A 20 6.14 -4.47 1.41
N SER A 21 7.26 -4.43 0.70
CA SER A 21 8.57 -4.62 1.32
C SER A 21 8.86 -3.51 2.33
N GLU A 22 8.49 -2.28 1.97
CA GLU A 22 8.71 -1.14 2.83
C GLU A 22 7.68 -0.05 2.57
N GLU A 23 7.62 0.92 3.48
CA GLU A 23 6.67 2.03 3.35
C GLU A 23 6.70 2.61 1.94
N ALA A 24 7.91 2.85 1.43
CA ALA A 24 8.07 3.40 0.09
C ALA A 24 7.22 2.65 -0.93
N SER A 25 7.40 1.33 -0.99
CA SER A 25 6.65 0.49 -1.92
C SER A 25 5.18 0.90 -1.96
N LEU A 26 4.50 0.73 -0.82
CA LEU A 26 3.09 1.08 -0.71
C LEU A 26 2.81 2.42 -1.38
N LYS A 27 3.39 3.49 -0.82
CA LYS A 27 3.21 4.82 -1.36
C LYS A 27 3.10 4.78 -2.89
N ARG A 28 4.02 4.06 -3.52
CA ARG A 28 4.02 3.95 -4.98
C ARG A 28 2.81 3.16 -5.46
N HIS A 29 2.57 2.00 -4.84
CA HIS A 29 1.44 1.16 -5.22
C HIS A 29 0.13 1.94 -5.17
N THR A 30 -0.03 2.74 -4.13
CA THR A 30 -1.24 3.55 -3.97
C THR A 30 -1.42 4.50 -5.13
N LEU A 31 -0.32 5.07 -5.61
CA LEU A 31 -0.36 6.01 -6.74
C LEU A 31 -0.58 5.26 -8.05
N GLN A 32 0.10 4.13 -8.20
CA GLN A 32 -0.01 3.33 -9.41
C GLN A 32 -1.33 2.58 -9.44
N THR A 33 -1.49 1.64 -8.51
CA THR A 33 -2.71 0.85 -8.43
C THR A 33 -3.93 1.73 -8.22
N HIS A 34 -3.88 2.58 -7.19
CA HIS A 34 -4.97 3.48 -6.89
C HIS A 34 -4.64 4.91 -7.29
N SER A 35 -5.57 5.83 -7.06
CA SER A 35 -5.37 7.24 -7.39
C SER A 35 -4.96 7.39 -8.86
N ASP A 36 -5.67 6.68 -9.73
CA ASP A 36 -5.38 6.75 -11.17
C ASP A 36 -6.04 7.95 -11.81
N LYS A 37 -5.74 8.19 -13.08
CA LYS A 37 -6.31 9.31 -13.81
C LYS A 37 -7.82 9.20 -13.88
N SER A 38 -8.31 8.01 -14.21
CA SER A 38 -9.74 7.77 -14.31
C SER A 38 -10.37 7.56 -12.93
N GLY A 39 -10.62 8.66 -12.22
CA GLY A 39 -11.20 8.57 -10.90
C GLY A 39 -12.46 9.39 -10.77
N PRO A 40 -12.30 10.72 -10.66
CA PRO A 40 -13.42 11.66 -10.53
C PRO A 40 -14.24 11.76 -11.81
N SER A 41 -15.34 12.51 -11.74
CA SER A 41 -16.21 12.68 -12.89
C SER A 41 -15.44 13.24 -14.09
N SER A 42 -15.46 12.49 -15.19
CA SER A 42 -14.75 12.91 -16.39
C SER A 42 -15.67 13.71 -17.30
N GLY A 43 -16.89 13.23 -17.48
CA GLY A 43 -17.85 13.93 -18.33
C GLY A 43 -18.50 13.00 -19.34
#